data_7KUV
#
_entry.id   7KUV
#
_cell.length_a   80.480
_cell.length_b   80.480
_cell.length_c   245.463
_cell.angle_alpha   90.000
_cell.angle_beta   90.000
_cell.angle_gamma   120.000
#
_symmetry.space_group_name_H-M   'P 31 2 1'
#
loop_
_entity.id
_entity.type
_entity.pdbx_description
1 polymer 'Polyamine deacetylase HDAC10'
2 non-polymer 'ACETATE ION'
3 non-polymer 1,2-ETHANEDIOL
4 non-polymer 'ZINC ION'
5 non-polymer 'POTASSIUM ION'
6 non-polymer 'PHOSPHATE ION'
7 water water
#
_entity_poly.entity_id   1
_entity_poly.type   'polypeptide(L)'
_entity_poly.pdbx_seq_one_letter_code
;SNAASGSALIFDEEMSRYKLLWTDPECEIEVPERLTVSYEALRTHGLAQRCKAVPVRQATEQEILLAHSEEYLEAVKQTP
GMNVEELMAFSKKYNAVYFHQNIYHCAKLAAGATLQLVDSVMKREVRNGMALVRPPGHHSQRSAANGFCVFNNVAFAALY
AKKNYNLNRILIVDWDVHHGQGIQYCFEEDPSVLYFSWHRYEHQSFWPNLPESDYSSVGKGKGSGFNINLPWNKVGMTNS
DYLAAFFHVLLPVAYEFDPELVIVSAGFDSAIGDPEGEMCALPEIFAHLTHLLMPLAAGKMCVVLEGGYNLTSLGQSVCQ
TVHSLLGDPTPRISGLGTACDSALESIQNVRNVQSSYWSSFKHLAQSETNPKRPRLDATNGGPKESSEPASESNPKKTAQ
DDVWPEPLKRMPASVRTVVVPPPGVELTLPKNCQHSGDISESTAKEVQRIRDKHFHDLTDQNILRSLGNIISVLDRMMRS
DEVCNGCVVVSDLSVSVQCALQHALTEPAERVLVVYVGDGELPVKTNDGKVFLVQICTKETEDKCVNRLTLCLREGESLT
AGFMQALLGLILPVAYEFNPALVLGIVEETAAKTRLMRVWGHMTCLIQGLARGRMLTLLQGYDKDLLELTVSALSGASIS
PLGPLRAPKPEDVEMMEKQRQRLQERWGLLRCTVSESW
;
_entity_poly.pdbx_strand_id   A
#
# COMPACT_ATOMS: atom_id res chain seq x y z
N ALA A 3 -2.46 21.49 -6.76
CA ALA A 3 -1.88 20.15 -6.73
C ALA A 3 -2.74 19.18 -7.55
N ALA A 4 -2.21 18.00 -7.83
CA ALA A 4 -2.86 17.09 -8.75
C ALA A 4 -4.04 16.38 -8.08
N SER A 5 -5.04 16.04 -8.90
CA SER A 5 -6.23 15.35 -8.42
C SER A 5 -6.71 14.38 -9.51
N GLY A 6 -7.48 13.39 -9.08
CA GLY A 6 -8.04 12.42 -10.01
C GLY A 6 -7.10 11.26 -10.30
N SER A 7 -7.69 10.20 -10.87
CA SER A 7 -6.96 8.99 -11.22
C SER A 7 -7.20 8.67 -12.68
N ALA A 8 -6.12 8.38 -13.42
CA ALA A 8 -6.27 7.99 -14.81
C ALA A 8 -6.59 6.49 -14.89
N LEU A 9 -7.49 6.15 -15.80
CA LEU A 9 -7.74 4.77 -16.20
C LEU A 9 -7.48 4.70 -17.70
N ILE A 10 -6.46 3.95 -18.09
CA ILE A 10 -6.06 3.87 -19.48
C ILE A 10 -6.40 2.47 -19.95
N PHE A 11 -7.27 2.40 -20.95
CA PHE A 11 -7.78 1.14 -21.46
CA PHE A 11 -7.81 1.15 -21.47
C PHE A 11 -8.09 1.32 -22.95
N ASP A 12 -8.11 0.20 -23.67
CA ASP A 12 -8.60 0.23 -25.04
C ASP A 12 -8.98 -1.17 -25.48
N GLU A 13 -10.19 -1.29 -26.04
CA GLU A 13 -10.71 -2.57 -26.50
C GLU A 13 -9.81 -3.24 -27.51
N GLU A 14 -8.98 -2.47 -28.24
CA GLU A 14 -8.11 -3.06 -29.24
C GLU A 14 -7.16 -4.09 -28.63
N MET A 15 -6.73 -3.91 -27.38
CA MET A 15 -5.78 -4.85 -26.80
C MET A 15 -6.45 -6.19 -26.46
N SER A 16 -7.76 -6.29 -26.56
CA SER A 16 -8.41 -7.58 -26.47
C SER A 16 -8.51 -8.30 -27.83
N ARG A 17 -7.92 -7.73 -28.89
CA ARG A 17 -8.14 -8.28 -30.22
C ARG A 17 -6.90 -9.03 -30.73
N TYR A 18 -6.34 -9.87 -29.88
CA TYR A 18 -5.38 -10.90 -30.27
C TYR A 18 -5.57 -12.03 -29.26
N LYS A 19 -5.33 -13.25 -29.71
CA LYS A 19 -5.59 -14.42 -28.90
C LYS A 19 -4.80 -15.59 -29.47
N LEU A 20 -4.79 -16.70 -28.71
CA LEU A 20 -4.06 -17.90 -29.09
C LEU A 20 -4.83 -18.67 -30.17
N LEU A 21 -4.11 -19.12 -31.20
CA LEU A 21 -4.75 -19.71 -32.38
C LEU A 21 -4.45 -21.18 -32.59
N TRP A 22 -3.73 -21.83 -31.68
CA TRP A 22 -3.45 -23.25 -31.76
C TRP A 22 -3.50 -23.82 -30.35
N THR A 23 -3.54 -25.14 -30.25
CA THR A 23 -3.55 -25.77 -28.93
C THR A 23 -2.20 -25.58 -28.25
N ASP A 24 -2.25 -25.08 -27.03
CA ASP A 24 -1.04 -24.97 -26.21
C ASP A 24 -1.49 -24.85 -24.77
N PRO A 25 -1.42 -25.95 -23.99
CA PRO A 25 -1.88 -25.90 -22.60
C PRO A 25 -1.12 -24.88 -21.77
N GLU A 26 0.13 -24.59 -22.14
CA GLU A 26 0.92 -23.63 -21.39
C GLU A 26 0.46 -22.19 -21.56
N CYS A 27 -0.34 -21.90 -22.60
CA CYS A 27 -0.67 -20.52 -22.93
C CYS A 27 -2.16 -20.22 -22.92
N GLU A 28 -3.01 -21.24 -22.96
CA GLU A 28 -4.45 -21.06 -23.13
C GLU A 28 -5.08 -20.22 -22.02
N ILE A 29 -4.42 -20.05 -20.87
CA ILE A 29 -5.05 -19.24 -19.81
C ILE A 29 -5.07 -17.76 -20.14
N GLU A 30 -4.18 -17.29 -21.01
CA GLU A 30 -4.04 -15.86 -21.28
C GLU A 30 -5.01 -15.49 -22.40
N VAL A 31 -6.15 -14.92 -22.04
CA VAL A 31 -7.27 -14.75 -22.97
C VAL A 31 -7.63 -13.27 -23.05
N PRO A 32 -8.24 -12.85 -24.16
CA PRO A 32 -8.74 -11.46 -24.27
C PRO A 32 -9.70 -11.07 -23.16
N GLU A 33 -10.54 -12.01 -22.69
CA GLU A 33 -11.56 -11.70 -21.71
C GLU A 33 -11.00 -11.15 -20.40
N ARG A 34 -9.70 -11.40 -20.11
CA ARG A 34 -9.11 -10.79 -18.93
C ARG A 34 -9.28 -9.27 -18.93
N LEU A 35 -9.11 -8.66 -20.10
CA LEU A 35 -9.24 -7.21 -20.22
C LEU A 35 -10.71 -6.79 -20.13
N THR A 36 -11.58 -7.49 -20.86
CA THR A 36 -12.99 -7.10 -20.92
C THR A 36 -13.65 -7.27 -19.55
N VAL A 37 -13.43 -8.41 -18.91
CA VAL A 37 -13.94 -8.64 -17.55
C VAL A 37 -13.43 -7.58 -16.57
N SER A 38 -12.16 -7.18 -16.69
CA SER A 38 -11.64 -6.19 -15.74
C SER A 38 -12.31 -4.82 -15.94
N TYR A 39 -12.38 -4.36 -17.18
CA TYR A 39 -13.01 -3.06 -17.44
C TYR A 39 -14.48 -3.09 -17.06
N GLU A 40 -15.19 -4.15 -17.44
CA GLU A 40 -16.61 -4.27 -17.11
C GLU A 40 -16.84 -4.26 -15.60
N ALA A 41 -15.94 -4.89 -14.84
CA ALA A 41 -16.08 -4.84 -13.38
C ALA A 41 -15.94 -3.41 -12.88
N LEU A 42 -14.99 -2.66 -13.44
CA LEU A 42 -14.83 -1.26 -13.07
C LEU A 42 -16.08 -0.46 -13.42
N ARG A 43 -16.71 -0.76 -14.56
CA ARG A 43 -17.91 -0.03 -14.94
CA ARG A 43 -17.93 -0.09 -14.98
C ARG A 43 -19.08 -0.38 -14.01
N THR A 44 -19.30 -1.67 -13.72
CA THR A 44 -20.36 -2.11 -12.82
C THR A 44 -20.32 -1.38 -11.48
N HIS A 45 -19.14 -1.29 -10.85
CA HIS A 45 -19.02 -0.65 -9.54
C HIS A 45 -18.84 0.87 -9.64
N GLY A 46 -19.05 1.46 -10.82
CA GLY A 46 -18.97 2.90 -10.94
C GLY A 46 -17.58 3.47 -10.82
N LEU A 47 -16.55 2.63 -11.02
CA LEU A 47 -15.20 3.12 -10.82
C LEU A 47 -14.61 3.70 -12.09
N ALA A 48 -14.83 3.05 -13.25
CA ALA A 48 -14.38 3.62 -14.51
C ALA A 48 -14.90 5.04 -14.68
N GLN A 49 -16.18 5.26 -14.34
CA GLN A 49 -16.83 6.56 -14.55
C GLN A 49 -16.20 7.67 -13.72
N ARG A 50 -15.55 7.34 -12.60
CA ARG A 50 -14.89 8.33 -11.75
C ARG A 50 -13.43 8.57 -12.16
N CYS A 51 -12.92 7.83 -13.15
CA CYS A 51 -11.54 7.97 -13.60
C CYS A 51 -11.46 8.80 -14.88
N LYS A 52 -10.35 9.51 -15.05
CA LYS A 52 -10.06 10.22 -16.28
C LYS A 52 -9.53 9.24 -17.34
N ALA A 53 -10.26 9.10 -18.45
CA ALA A 53 -9.98 8.10 -19.48
C ALA A 53 -8.95 8.62 -20.49
N VAL A 54 -7.69 8.59 -20.10
CA VAL A 54 -6.61 9.00 -20.98
C VAL A 54 -6.48 8.01 -22.13
N PRO A 55 -6.35 8.47 -23.38
CA PRO A 55 -6.30 7.53 -24.50
C PRO A 55 -4.96 6.80 -24.61
N VAL A 56 -5.08 5.60 -25.15
CA VAL A 56 -3.95 4.77 -25.55
C VAL A 56 -3.20 5.41 -26.71
N ARG A 57 -1.89 5.14 -26.81
CA ARG A 57 -1.15 5.44 -28.02
C ARG A 57 -0.17 4.30 -28.30
N GLN A 58 0.46 4.37 -29.47
CA GLN A 58 1.54 3.45 -29.80
C GLN A 58 2.83 3.97 -29.20
N ALA A 59 3.60 3.08 -28.55
CA ALA A 59 5.00 3.39 -28.31
C ALA A 59 5.74 3.50 -29.63
N THR A 60 6.65 4.46 -29.73
CA THR A 60 7.41 4.64 -30.95
C THR A 60 8.56 3.62 -30.99
N GLU A 61 9.20 3.54 -32.16
CA GLU A 61 10.38 2.70 -32.30
C GLU A 61 11.46 3.09 -31.29
N GLN A 62 11.73 4.39 -31.18
CA GLN A 62 12.77 4.86 -30.27
C GLN A 62 12.44 4.48 -28.83
N GLU A 63 11.15 4.54 -28.46
CA GLU A 63 10.76 4.15 -27.11
C GLU A 63 10.96 2.65 -26.88
N ILE A 64 10.58 1.83 -27.86
CA ILE A 64 10.82 0.39 -27.74
C ILE A 64 12.31 0.11 -27.56
N LEU A 65 13.17 0.86 -28.26
CA LEU A 65 14.61 0.61 -28.18
C LEU A 65 15.24 1.05 -26.85
N LEU A 66 14.47 1.71 -25.98
CA LEU A 66 14.95 1.97 -24.63
C LEU A 66 15.30 0.68 -23.90
N ALA A 67 14.54 -0.39 -24.16
CA ALA A 67 14.66 -1.63 -23.42
C ALA A 67 14.86 -2.85 -24.29
N HIS A 68 14.76 -2.71 -25.61
CA HIS A 68 14.85 -3.88 -26.48
C HIS A 68 15.81 -3.59 -27.60
N SER A 69 16.31 -4.68 -28.18
CA SER A 69 17.32 -4.61 -29.21
C SER A 69 16.68 -4.44 -30.58
N GLU A 70 17.40 -3.77 -31.47
CA GLU A 70 16.92 -3.59 -32.84
C GLU A 70 16.63 -4.93 -33.49
N GLU A 71 17.47 -5.94 -33.22
CA GLU A 71 17.25 -7.23 -33.84
C GLU A 71 15.93 -7.86 -33.40
N TYR A 72 15.60 -7.74 -32.12
CA TYR A 72 14.36 -8.34 -31.61
C TYR A 72 13.15 -7.55 -32.09
N LEU A 73 13.23 -6.21 -32.06
CA LEU A 73 12.16 -5.39 -32.61
C LEU A 73 11.90 -5.74 -34.06
N GLU A 74 12.95 -5.80 -34.88
CA GLU A 74 12.80 -6.15 -36.30
C GLU A 74 12.10 -7.49 -36.48
N ALA A 75 12.47 -8.51 -35.69
CA ALA A 75 11.81 -9.80 -35.85
C ALA A 75 10.33 -9.72 -35.47
N VAL A 76 10.02 -9.04 -34.36
CA VAL A 76 8.63 -8.94 -33.92
C VAL A 76 7.81 -8.13 -34.92
N LYS A 77 8.42 -7.10 -35.51
CA LYS A 77 7.77 -6.23 -36.49
C LYS A 77 7.32 -7.00 -37.73
N GLN A 78 7.82 -8.23 -37.94
CA GLN A 78 7.41 -9.01 -39.10
CA GLN A 78 7.46 -9.07 -39.07
C GLN A 78 6.25 -9.94 -38.81
N THR A 79 5.85 -10.10 -37.55
CA THR A 79 4.77 -11.04 -37.26
C THR A 79 3.40 -10.63 -37.81
N PRO A 80 3.07 -9.34 -37.99
CA PRO A 80 1.76 -9.03 -38.61
C PRO A 80 1.61 -9.57 -40.03
N GLY A 81 2.71 -9.78 -40.75
CA GLY A 81 2.67 -10.42 -42.05
C GLY A 81 2.65 -11.94 -42.08
N MET A 82 2.61 -12.61 -40.94
CA MET A 82 2.77 -14.06 -40.87
C MET A 82 1.43 -14.78 -40.82
N ASN A 83 1.35 -15.94 -41.48
CA ASN A 83 0.18 -16.79 -41.31
C ASN A 83 0.36 -17.63 -40.03
N VAL A 84 -0.56 -18.56 -39.78
CA VAL A 84 -0.62 -19.25 -38.49
C VAL A 84 0.57 -20.19 -38.32
N GLU A 85 0.89 -20.98 -39.36
CA GLU A 85 2.08 -21.82 -39.33
C GLU A 85 3.31 -21.00 -39.01
N GLU A 86 3.46 -19.85 -39.67
CA GLU A 86 4.65 -19.05 -39.46
C GLU A 86 4.66 -18.48 -38.06
N LEU A 87 3.49 -18.11 -37.52
CA LEU A 87 3.42 -17.55 -36.17
C LEU A 87 3.68 -18.62 -35.11
N MET A 88 3.23 -19.85 -35.35
CA MET A 88 3.58 -20.96 -34.47
C MET A 88 5.08 -21.19 -34.41
N ALA A 89 5.73 -21.22 -35.58
CA ALA A 89 7.18 -21.42 -35.62
C ALA A 89 7.91 -20.29 -34.90
N PHE A 90 7.49 -19.05 -35.13
CA PHE A 90 8.09 -17.92 -34.43
C PHE A 90 7.89 -18.05 -32.92
N SER A 91 6.70 -18.49 -32.52
CA SER A 91 6.37 -18.60 -31.10
C SER A 91 7.27 -19.61 -30.38
N LYS A 92 7.59 -20.73 -31.05
CA LYS A 92 8.35 -21.80 -30.42
C LYS A 92 9.81 -21.44 -30.18
N LYS A 93 10.33 -20.37 -30.80
CA LYS A 93 11.67 -19.89 -30.45
C LYS A 93 11.74 -19.28 -29.05
N TYR A 94 10.64 -19.14 -28.35
CA TYR A 94 10.60 -18.47 -27.06
C TYR A 94 9.80 -19.31 -26.08
N ASN A 95 9.86 -18.94 -24.82
CA ASN A 95 9.31 -19.76 -23.74
C ASN A 95 7.96 -19.20 -23.24
N ALA A 96 6.93 -20.05 -23.27
CA ALA A 96 5.59 -19.74 -22.77
C ALA A 96 5.03 -18.44 -23.37
N VAL A 97 5.02 -18.37 -24.70
CA VAL A 97 4.48 -17.17 -25.33
C VAL A 97 3.95 -17.56 -26.70
N TYR A 98 2.91 -16.83 -27.14
CA TYR A 98 2.34 -17.03 -28.46
C TYR A 98 2.22 -15.68 -29.15
N PHE A 99 2.15 -15.74 -30.47
CA PHE A 99 2.03 -14.56 -31.31
C PHE A 99 0.77 -14.67 -32.15
N HIS A 100 0.36 -13.53 -32.68
CA HIS A 100 -0.90 -13.37 -33.41
C HIS A 100 -0.68 -12.17 -34.32
N GLN A 101 -1.33 -12.17 -35.50
CA GLN A 101 -1.10 -11.09 -36.48
C GLN A 101 -1.27 -9.70 -35.87
N ASN A 102 -2.08 -9.57 -34.82
CA ASN A 102 -2.33 -8.28 -34.20
C ASN A 102 -1.54 -8.04 -32.91
N ILE A 103 -0.70 -8.99 -32.47
CA ILE A 103 -0.09 -8.83 -31.15
C ILE A 103 1.00 -7.76 -31.15
N TYR A 104 1.68 -7.55 -32.28
CA TYR A 104 2.66 -6.49 -32.36
C TYR A 104 2.00 -5.13 -32.20
N HIS A 105 0.91 -4.91 -32.93
CA HIS A 105 0.07 -3.73 -32.73
C HIS A 105 -0.31 -3.58 -31.26
N CYS A 106 -0.80 -4.66 -30.64
CA CYS A 106 -1.26 -4.56 -29.25
C CYS A 106 -0.10 -4.32 -28.29
N ALA A 107 1.04 -4.99 -28.49
CA ALA A 107 2.21 -4.73 -27.64
C ALA A 107 2.62 -3.26 -27.73
N LYS A 108 2.55 -2.66 -28.92
CA LYS A 108 2.91 -1.24 -28.98
C LYS A 108 1.90 -0.40 -28.23
N LEU A 109 0.61 -0.80 -28.23
CA LEU A 109 -0.40 -0.07 -27.45
C LEU A 109 -0.22 -0.27 -25.96
N ALA A 110 0.03 -1.51 -25.51
CA ALA A 110 0.27 -1.76 -24.08
C ALA A 110 1.41 -0.88 -23.58
N ALA A 111 2.50 -0.82 -24.35
CA ALA A 111 3.62 0.04 -23.99
C ALA A 111 3.23 1.51 -24.06
N GLY A 112 2.55 1.92 -25.14
CA GLY A 112 2.13 3.31 -25.24
C GLY A 112 1.18 3.71 -24.13
N ALA A 113 0.19 2.86 -23.84
CA ALA A 113 -0.70 3.12 -22.71
C ALA A 113 0.08 3.37 -21.42
N THR A 114 1.11 2.55 -21.16
CA THR A 114 1.91 2.74 -19.96
C THR A 114 2.61 4.09 -19.97
N LEU A 115 3.17 4.49 -21.13
CA LEU A 115 3.84 5.79 -21.19
C LEU A 115 2.85 6.95 -21.04
N GLN A 116 1.64 6.80 -21.60
CA GLN A 116 0.59 7.79 -21.35
C GLN A 116 0.31 7.93 -19.86
N LEU A 117 0.28 6.80 -19.14
CA LEU A 117 0.06 6.88 -17.69
C LEU A 117 1.20 7.62 -17.02
N VAL A 118 2.44 7.32 -17.41
CA VAL A 118 3.60 8.00 -16.82
C VAL A 118 3.52 9.52 -17.05
N ASP A 119 3.20 9.93 -18.28
CA ASP A 119 3.10 11.36 -18.58
C ASP A 119 1.97 12.03 -17.78
N SER A 120 0.80 11.40 -17.74
CA SER A 120 -0.33 11.99 -17.02
C SER A 120 0.01 12.22 -15.55
N VAL A 121 0.71 11.26 -14.94
CA VAL A 121 1.07 11.39 -13.52
C VAL A 121 2.19 12.41 -13.35
N MET A 122 3.25 12.30 -14.17
CA MET A 122 4.40 13.18 -13.94
C MET A 122 4.14 14.63 -14.37
N LYS A 123 3.16 14.88 -15.23
CA LYS A 123 2.76 16.25 -15.56
C LYS A 123 1.74 16.82 -14.58
N ARG A 124 1.41 16.08 -13.50
CA ARG A 124 0.41 16.45 -12.51
C ARG A 124 -0.99 16.59 -13.10
N GLU A 125 -1.25 15.98 -14.25
CA GLU A 125 -2.61 15.98 -14.79
C GLU A 125 -3.53 15.05 -14.01
N VAL A 126 -2.97 14.03 -13.36
CA VAL A 126 -3.68 13.22 -12.38
C VAL A 126 -2.74 12.90 -11.23
N ARG A 127 -3.33 12.50 -10.11
CA ARG A 127 -2.55 12.07 -8.96
C ARG A 127 -1.88 10.73 -9.22
N ASN A 128 -2.57 9.81 -9.89
CA ASN A 128 -2.14 8.42 -9.99
C ASN A 128 -2.99 7.78 -11.09
N GLY A 129 -2.75 6.51 -11.36
CA GLY A 129 -3.62 5.86 -12.33
C GLY A 129 -3.29 4.40 -12.53
N MET A 130 -4.08 3.78 -13.40
CA MET A 130 -3.90 2.39 -13.78
C MET A 130 -4.06 2.23 -15.27
N ALA A 131 -3.23 1.35 -15.85
CA ALA A 131 -3.32 0.94 -17.24
C ALA A 131 -3.74 -0.54 -17.31
N LEU A 132 -4.88 -0.80 -17.94
CA LEU A 132 -5.34 -2.16 -18.18
C LEU A 132 -4.86 -2.56 -19.57
N VAL A 133 -3.78 -3.34 -19.64
CA VAL A 133 -3.11 -3.58 -20.90
C VAL A 133 -2.92 -5.07 -21.12
N ARG A 134 -2.76 -5.43 -22.38
CA ARG A 134 -2.43 -6.75 -22.89
C ARG A 134 -1.60 -6.46 -24.14
N PRO A 135 -0.49 -7.19 -24.37
CA PRO A 135 0.06 -8.26 -23.51
C PRO A 135 0.76 -7.68 -22.28
N PRO A 136 0.91 -8.50 -21.24
CA PRO A 136 1.75 -8.11 -20.10
C PRO A 136 3.20 -7.95 -20.52
N GLY A 137 4.01 -7.47 -19.58
CA GLY A 137 5.37 -7.11 -19.95
C GLY A 137 6.52 -7.65 -19.12
N HIS A 138 6.29 -7.97 -17.84
CA HIS A 138 7.43 -8.02 -16.91
C HIS A 138 8.37 -9.21 -17.17
N HIS A 139 7.95 -10.24 -17.91
CA HIS A 139 8.90 -11.29 -18.29
C HIS A 139 9.69 -10.93 -19.53
N SER A 140 9.25 -9.93 -20.29
CA SER A 140 9.85 -9.65 -21.58
C SER A 140 11.29 -9.14 -21.37
N GLN A 141 12.18 -9.49 -22.30
CA GLN A 141 13.60 -9.24 -22.12
C GLN A 141 14.17 -8.53 -23.35
N ARG A 142 15.41 -8.06 -23.22
N ARG A 142 15.40 -8.03 -23.20
CA ARG A 142 16.01 -7.20 -24.23
CA ARG A 142 16.02 -7.20 -24.23
C ARG A 142 15.90 -7.79 -25.63
C ARG A 142 15.86 -7.80 -25.63
N SER A 143 16.04 -9.12 -25.77
CA SER A 143 15.95 -9.77 -27.07
C SER A 143 15.06 -11.01 -27.03
N ALA A 144 14.06 -11.05 -26.15
CA ALA A 144 13.17 -12.20 -26.12
C ALA A 144 11.79 -11.84 -25.58
N ALA A 145 10.77 -12.38 -26.24
CA ALA A 145 9.46 -12.55 -25.63
C ALA A 145 9.50 -13.73 -24.67
N ASN A 146 8.70 -13.65 -23.61
CA ASN A 146 8.76 -14.66 -22.56
C ASN A 146 7.48 -14.56 -21.75
N GLY A 147 6.89 -15.71 -21.40
CA GLY A 147 5.78 -15.76 -20.46
C GLY A 147 4.64 -14.78 -20.76
N PHE A 148 4.08 -14.86 -21.97
CA PHE A 148 2.97 -14.04 -22.47
C PHE A 148 3.38 -12.60 -22.74
N CYS A 149 4.62 -12.21 -22.44
CA CYS A 149 5.09 -10.85 -22.62
C CYS A 149 5.88 -10.64 -23.92
N VAL A 150 5.60 -9.54 -24.61
CA VAL A 150 6.33 -9.19 -25.83
C VAL A 150 7.33 -8.06 -25.57
N PHE A 151 6.88 -6.96 -24.99
CA PHE A 151 7.74 -5.83 -24.66
C PHE A 151 7.49 -5.52 -23.20
N ASN A 152 8.51 -4.98 -22.55
CA ASN A 152 8.48 -4.82 -21.09
C ASN A 152 7.89 -3.47 -20.71
N ASN A 153 6.56 -3.46 -20.56
CA ASN A 153 5.80 -2.22 -20.34
C ASN A 153 6.36 -1.43 -19.16
N VAL A 154 6.61 -2.10 -18.03
CA VAL A 154 7.02 -1.41 -16.82
C VAL A 154 8.48 -0.96 -16.90
N ALA A 155 9.33 -1.75 -17.55
CA ALA A 155 10.70 -1.29 -17.78
C ALA A 155 10.72 -0.03 -18.65
N PHE A 156 9.90 0.00 -19.71
CA PHE A 156 9.72 1.22 -20.51
C PHE A 156 9.42 2.41 -19.62
N ALA A 157 8.42 2.24 -18.75
CA ALA A 157 7.92 3.35 -17.96
C ALA A 157 9.01 3.95 -17.08
N ALA A 158 9.84 3.12 -16.46
CA ALA A 158 10.92 3.63 -15.62
C ALA A 158 12.00 4.31 -16.47
N LEU A 159 12.42 3.66 -17.55
CA LEU A 159 13.43 4.26 -18.42
C LEU A 159 12.93 5.55 -19.06
N TYR A 160 11.66 5.57 -19.48
CA TYR A 160 11.04 6.77 -20.02
C TYR A 160 10.95 7.87 -18.98
N ALA A 161 10.62 7.52 -17.72
CA ALA A 161 10.53 8.52 -16.67
C ALA A 161 11.91 9.06 -16.30
N LYS A 162 12.95 8.23 -16.39
CA LYS A 162 14.31 8.71 -16.19
C LYS A 162 14.70 9.70 -17.30
N LYS A 163 14.40 9.36 -18.56
CA LYS A 163 14.91 10.15 -19.66
C LYS A 163 14.21 11.50 -19.77
N ASN A 164 12.88 11.52 -19.66
CA ASN A 164 12.11 12.73 -19.93
C ASN A 164 11.78 13.54 -18.69
N TYR A 165 11.91 12.99 -17.50
CA TYR A 165 11.67 13.77 -16.29
C TYR A 165 12.89 13.80 -15.38
N ASN A 166 14.01 13.21 -15.80
CA ASN A 166 15.27 13.32 -15.07
C ASN A 166 15.15 12.81 -13.64
N LEU A 167 14.42 11.72 -13.46
CA LEU A 167 14.22 11.17 -12.13
C LEU A 167 15.46 10.40 -11.71
N ASN A 168 15.80 10.50 -10.42
CA ASN A 168 16.94 9.78 -9.88
C ASN A 168 16.57 8.49 -9.14
N ARG A 169 15.33 8.36 -8.67
CA ARG A 169 14.94 7.21 -7.85
C ARG A 169 13.52 6.79 -8.22
N ILE A 170 13.40 5.57 -8.73
CA ILE A 170 12.12 4.99 -9.11
C ILE A 170 11.97 3.65 -8.40
N LEU A 171 10.82 3.45 -7.74
CA LEU A 171 10.48 2.17 -7.13
C LEU A 171 9.55 1.40 -8.06
N ILE A 172 9.89 0.15 -8.34
CA ILE A 172 9.02 -0.78 -9.08
C ILE A 172 8.61 -1.88 -8.11
N VAL A 173 7.30 -2.07 -7.94
CA VAL A 173 6.75 -3.10 -7.05
C VAL A 173 6.04 -4.11 -7.93
N ASP A 174 6.53 -5.35 -7.93
CA ASP A 174 5.97 -6.42 -8.77
C ASP A 174 5.29 -7.44 -7.84
N TRP A 175 3.98 -7.27 -7.67
CA TRP A 175 3.21 -8.17 -6.82
C TRP A 175 2.48 -9.24 -7.61
N ASP A 176 2.70 -9.30 -8.92
CA ASP A 176 2.35 -10.47 -9.69
C ASP A 176 2.95 -11.70 -9.02
N VAL A 177 2.31 -12.87 -9.21
CA VAL A 177 2.77 -14.10 -8.55
C VAL A 177 3.99 -14.70 -9.22
N HIS A 178 4.36 -14.22 -10.41
CA HIS A 178 5.53 -14.68 -11.13
C HIS A 178 6.67 -13.68 -10.96
N HIS A 179 7.90 -14.17 -11.06
CA HIS A 179 9.05 -13.28 -10.98
C HIS A 179 9.19 -12.47 -12.26
N GLY A 180 9.37 -11.16 -12.11
CA GLY A 180 9.57 -10.36 -13.32
C GLY A 180 11.02 -10.28 -13.75
N GLN A 181 11.55 -11.38 -14.30
CA GLN A 181 12.99 -11.46 -14.54
C GLN A 181 13.44 -10.47 -15.61
N GLY A 182 12.57 -10.17 -16.59
CA GLY A 182 12.91 -9.13 -17.56
C GLY A 182 13.18 -7.78 -16.90
N ILE A 183 12.44 -7.46 -15.85
CA ILE A 183 12.67 -6.19 -15.16
C ILE A 183 13.94 -6.26 -14.32
N GLN A 184 14.15 -7.36 -13.58
CA GLN A 184 15.39 -7.55 -12.83
C GLN A 184 16.61 -7.39 -13.73
N TYR A 185 16.66 -8.14 -14.84
CA TYR A 185 17.79 -8.03 -15.77
C TYR A 185 17.95 -6.59 -16.26
N CYS A 186 16.84 -5.92 -16.57
CA CYS A 186 16.95 -4.58 -17.14
C CYS A 186 17.67 -3.64 -16.20
N PHE A 187 17.40 -3.74 -14.89
CA PHE A 187 17.93 -2.78 -13.94
C PHE A 187 18.93 -3.39 -12.96
N GLU A 188 19.48 -4.55 -13.31
CA GLU A 188 20.36 -5.29 -12.40
C GLU A 188 21.48 -4.42 -11.83
N GLU A 189 22.10 -3.58 -12.67
CA GLU A 189 23.20 -2.74 -12.23
C GLU A 189 22.80 -1.29 -11.97
N ASP A 190 21.50 -1.00 -11.95
CA ASP A 190 21.03 0.37 -11.88
C ASP A 190 20.52 0.66 -10.48
N PRO A 191 21.20 1.52 -9.72
CA PRO A 191 20.68 1.90 -8.40
C PRO A 191 19.62 2.98 -8.45
N SER A 192 19.31 3.53 -9.63
CA SER A 192 18.24 4.51 -9.70
C SER A 192 16.86 3.87 -9.76
N VAL A 193 16.78 2.57 -10.06
CA VAL A 193 15.52 1.87 -10.13
C VAL A 193 15.55 0.70 -9.14
N LEU A 194 14.78 0.80 -8.07
CA LEU A 194 14.70 -0.26 -7.07
C LEU A 194 13.59 -1.24 -7.45
N TYR A 195 13.97 -2.49 -7.72
CA TYR A 195 13.01 -3.54 -8.08
C TYR A 195 12.73 -4.46 -6.89
N PHE A 196 11.47 -4.54 -6.47
CA PHE A 196 11.01 -5.52 -5.50
C PHE A 196 10.05 -6.50 -6.16
N SER A 197 10.23 -7.80 -5.91
CA SER A 197 9.30 -8.79 -6.43
C SER A 197 9.09 -9.91 -5.42
N TRP A 198 7.83 -10.24 -5.14
CA TRP A 198 7.56 -11.53 -4.53
C TRP A 198 7.03 -12.44 -5.62
N HIS A 199 7.15 -13.75 -5.40
CA HIS A 199 6.79 -14.66 -6.49
C HIS A 199 6.81 -16.09 -5.97
N ARG A 200 5.88 -16.87 -6.49
CA ARG A 200 5.91 -18.30 -6.27
C ARG A 200 7.20 -18.86 -6.84
N TYR A 201 7.91 -19.64 -6.03
CA TYR A 201 9.25 -20.09 -6.39
C TYR A 201 9.35 -21.58 -6.18
N GLU A 202 8.93 -22.03 -5.00
CA GLU A 202 8.97 -23.44 -4.62
C GLU A 202 10.36 -24.04 -4.85
N HIS A 203 11.36 -23.35 -4.31
CA HIS A 203 12.74 -23.85 -4.32
C HIS A 203 13.21 -24.03 -5.74
N GLN A 204 12.79 -23.10 -6.60
CA GLN A 204 13.10 -23.02 -8.03
C GLN A 204 12.33 -24.02 -8.87
N SER A 205 11.40 -24.79 -8.29
CA SER A 205 10.65 -25.68 -9.17
C SER A 205 9.50 -24.98 -9.92
N PHE A 206 9.21 -23.71 -9.63
CA PHE A 206 8.09 -23.04 -10.29
C PHE A 206 8.60 -22.08 -11.36
N TRP A 207 7.90 -22.08 -12.49
CA TRP A 207 8.27 -21.26 -13.63
C TRP A 207 8.48 -19.81 -13.19
N PRO A 208 9.53 -19.11 -13.69
CA PRO A 208 10.46 -19.56 -14.73
C PRO A 208 11.72 -20.33 -14.26
N ASN A 209 11.73 -20.90 -13.05
CA ASN A 209 12.79 -21.87 -12.68
C ASN A 209 14.18 -21.26 -12.72
N LEU A 210 14.34 -20.04 -12.19
CA LEU A 210 15.61 -19.34 -12.34
C LEU A 210 16.34 -19.28 -11.01
N PRO A 211 17.62 -19.67 -10.97
CA PRO A 211 18.39 -19.46 -9.73
C PRO A 211 18.44 -18.00 -9.32
N GLU A 212 18.48 -17.06 -10.27
CA GLU A 212 18.57 -15.65 -9.91
C GLU A 212 17.22 -15.04 -9.49
N SER A 213 16.15 -15.84 -9.40
CA SER A 213 14.91 -15.38 -8.76
C SER A 213 14.94 -15.54 -7.24
N ASP A 214 16.02 -16.05 -6.66
CA ASP A 214 16.07 -16.31 -5.22
C ASP A 214 16.42 -15.03 -4.48
N TYR A 215 16.31 -15.09 -3.15
CA TYR A 215 16.56 -13.92 -2.30
C TYR A 215 18.00 -13.44 -2.39
N SER A 216 18.92 -14.24 -2.88
CA SER A 216 20.32 -13.81 -2.85
C SER A 216 20.71 -12.93 -4.03
N SER A 217 19.84 -12.77 -5.04
CA SER A 217 20.12 -11.82 -6.13
C SER A 217 19.71 -10.44 -5.66
N VAL A 218 20.71 -9.63 -5.27
CA VAL A 218 20.52 -8.32 -4.68
C VAL A 218 20.90 -7.20 -5.63
N GLY A 219 21.20 -7.53 -6.88
CA GLY A 219 21.77 -6.59 -7.83
C GLY A 219 23.25 -6.88 -8.08
N LYS A 220 23.82 -6.07 -8.97
CA LYS A 220 25.21 -6.22 -9.40
C LYS A 220 25.87 -4.85 -9.47
N GLY A 221 27.13 -4.80 -9.04
CA GLY A 221 27.92 -3.58 -9.20
C GLY A 221 27.36 -2.44 -8.38
N LYS A 222 27.28 -1.27 -9.01
CA LYS A 222 26.63 -0.13 -8.37
C LYS A 222 25.15 -0.41 -8.05
N GLY A 223 24.58 -1.47 -8.60
CA GLY A 223 23.20 -1.82 -8.33
C GLY A 223 22.98 -2.77 -7.15
N SER A 224 24.03 -3.13 -6.41
CA SER A 224 23.86 -4.10 -5.33
C SER A 224 22.96 -3.51 -4.26
N GLY A 225 21.95 -4.28 -3.85
CA GLY A 225 20.99 -3.80 -2.88
C GLY A 225 19.73 -3.17 -3.46
N PHE A 226 19.68 -2.94 -4.77
CA PHE A 226 18.52 -2.31 -5.41
C PHE A 226 17.71 -3.32 -6.20
N ASN A 227 17.97 -4.61 -5.97
CA ASN A 227 17.10 -5.69 -6.42
C ASN A 227 16.73 -6.52 -5.20
N ILE A 228 15.43 -6.72 -4.96
CA ILE A 228 14.93 -7.43 -3.79
C ILE A 228 13.95 -8.52 -4.27
N ASN A 229 14.37 -9.78 -4.16
CA ASN A 229 13.50 -10.92 -4.44
C ASN A 229 13.02 -11.56 -3.14
N LEU A 230 11.72 -11.80 -3.04
CA LEU A 230 11.09 -12.51 -1.92
C LEU A 230 10.41 -13.75 -2.48
N PRO A 231 11.11 -14.90 -2.50
CA PRO A 231 10.52 -16.11 -3.06
C PRO A 231 9.53 -16.73 -2.09
N TRP A 232 8.39 -17.16 -2.62
CA TRP A 232 7.42 -17.95 -1.86
C TRP A 232 7.69 -19.42 -2.16
N ASN A 233 8.03 -20.19 -1.13
CA ASN A 233 8.45 -21.56 -1.33
C ASN A 233 7.35 -22.56 -1.03
N LYS A 234 6.16 -22.09 -0.66
CA LYS A 234 4.96 -22.92 -0.59
C LYS A 234 3.82 -22.12 -1.21
N VAL A 235 2.79 -22.83 -1.68
CA VAL A 235 1.58 -22.19 -2.15
C VAL A 235 0.70 -21.88 -0.94
N GLY A 236 -0.47 -21.29 -1.21
CA GLY A 236 -1.41 -20.96 -0.16
C GLY A 236 -1.06 -19.76 0.69
N MET A 237 -0.17 -18.87 0.23
CA MET A 237 0.13 -17.68 1.03
C MET A 237 -1.12 -16.82 1.26
N THR A 238 -1.21 -16.21 2.43
CA THR A 238 -2.44 -15.55 2.87
C THR A 238 -2.22 -14.05 3.00
N ASN A 239 -3.30 -13.34 3.39
CA ASN A 239 -3.17 -11.92 3.68
C ASN A 239 -2.05 -11.65 4.66
N SER A 240 -1.94 -12.47 5.72
CA SER A 240 -0.89 -12.22 6.71
C SER A 240 0.52 -12.35 6.12
N ASP A 241 0.73 -13.31 5.20
CA ASP A 241 2.03 -13.40 4.54
C ASP A 241 2.34 -12.15 3.73
N TYR A 242 1.37 -11.66 2.95
CA TYR A 242 1.60 -10.51 2.09
C TYR A 242 1.88 -9.26 2.92
N LEU A 243 1.12 -9.06 4.00
CA LEU A 243 1.36 -7.86 4.81
C LEU A 243 2.67 -7.96 5.59
N ALA A 244 3.02 -9.16 6.07
CA ALA A 244 4.35 -9.36 6.68
C ALA A 244 5.46 -9.00 5.72
N ALA A 245 5.34 -9.42 4.45
CA ALA A 245 6.29 -9.00 3.41
C ALA A 245 6.38 -7.48 3.32
N PHE A 246 5.22 -6.79 3.30
CA PHE A 246 5.23 -5.34 3.18
C PHE A 246 5.82 -4.68 4.44
N PHE A 247 5.35 -5.08 5.62
CA PHE A 247 5.80 -4.40 6.83
C PHE A 247 7.28 -4.65 7.12
N HIS A 248 7.78 -5.85 6.80
CA HIS A 248 9.12 -6.24 7.24
C HIS A 248 10.16 -6.28 6.14
N VAL A 249 9.75 -6.14 4.87
CA VAL A 249 10.73 -6.09 3.79
C VAL A 249 10.51 -4.84 2.93
N LEU A 250 9.36 -4.76 2.25
CA LEU A 250 9.21 -3.77 1.17
C LEU A 250 9.15 -2.35 1.72
N LEU A 251 8.21 -2.08 2.63
CA LEU A 251 8.03 -0.71 3.10
C LEU A 251 9.22 -0.11 3.83
N PRO A 252 9.92 -0.82 4.73
CA PRO A 252 11.12 -0.23 5.32
C PRO A 252 12.11 0.24 4.27
N VAL A 253 12.29 -0.55 3.21
CA VAL A 253 13.23 -0.18 2.15
C VAL A 253 12.66 0.98 1.32
N ALA A 254 11.36 0.93 1.00
CA ALA A 254 10.76 1.92 0.11
C ALA A 254 10.83 3.32 0.74
N TYR A 255 10.46 3.43 2.01
CA TYR A 255 10.47 4.75 2.64
C TYR A 255 11.89 5.26 2.86
N GLU A 256 12.87 4.36 3.01
CA GLU A 256 14.26 4.81 3.09
C GLU A 256 14.79 5.23 1.72
N PHE A 257 14.51 4.41 0.69
CA PHE A 257 14.82 4.77 -0.69
C PHE A 257 14.24 6.15 -1.07
N ASP A 258 13.01 6.44 -0.64
CA ASP A 258 12.28 7.67 -0.97
C ASP A 258 12.18 7.88 -2.48
N PRO A 259 11.40 7.06 -3.19
CA PRO A 259 11.33 7.20 -4.64
C PRO A 259 10.60 8.48 -5.06
N GLU A 260 10.89 8.89 -6.29
CA GLU A 260 10.22 10.03 -6.91
C GLU A 260 9.05 9.60 -7.77
N LEU A 261 8.92 8.30 -8.03
CA LEU A 261 7.79 7.73 -8.73
C LEU A 261 7.68 6.27 -8.33
N VAL A 262 6.45 5.79 -8.15
CA VAL A 262 6.18 4.38 -7.90
C VAL A 262 5.46 3.80 -9.11
N ILE A 263 5.98 2.69 -9.62
CA ILE A 263 5.33 1.94 -10.70
C ILE A 263 5.05 0.55 -10.18
N VAL A 264 3.79 0.13 -10.27
CA VAL A 264 3.40 -1.19 -9.80
C VAL A 264 3.21 -2.10 -11.01
N SER A 265 3.95 -3.20 -11.01
CA SER A 265 3.72 -4.29 -11.95
C SER A 265 2.68 -5.19 -11.27
N ALA A 266 1.43 -4.97 -11.64
CA ALA A 266 0.29 -5.40 -10.84
C ALA A 266 -0.33 -6.63 -11.48
N GLY A 267 0.19 -7.80 -11.12
CA GLY A 267 -0.43 -9.07 -11.47
C GLY A 267 -1.32 -9.52 -10.34
N PHE A 268 -2.52 -9.92 -10.68
CA PHE A 268 -3.47 -10.39 -9.68
C PHE A 268 -3.58 -11.91 -9.69
N ASP A 269 -2.68 -12.60 -10.40
CA ASP A 269 -2.56 -14.02 -10.19
C ASP A 269 -1.98 -14.36 -8.82
N SER A 270 -1.67 -13.37 -7.99
CA SER A 270 -1.33 -13.60 -6.58
C SER A 270 -2.57 -13.67 -5.68
N ALA A 271 -3.77 -13.56 -6.25
CA ALA A 271 -5.02 -13.56 -5.51
C ALA A 271 -5.60 -14.96 -5.42
N ILE A 272 -6.38 -15.20 -4.36
CA ILE A 272 -7.09 -16.47 -4.17
C ILE A 272 -7.84 -16.85 -5.45
N GLY A 273 -7.91 -18.15 -5.74
CA GLY A 273 -8.64 -18.64 -6.88
C GLY A 273 -7.87 -18.68 -8.19
N ASP A 274 -6.70 -18.06 -8.24
CA ASP A 274 -5.95 -18.07 -9.48
C ASP A 274 -5.36 -19.44 -9.76
N PRO A 275 -5.49 -19.98 -10.97
CA PRO A 275 -4.98 -21.32 -11.26
C PRO A 275 -3.46 -21.41 -11.39
N GLU A 276 -2.76 -20.29 -11.57
CA GLU A 276 -1.30 -20.24 -11.64
C GLU A 276 -0.64 -19.97 -10.29
N GLY A 277 -1.18 -19.02 -9.53
CA GLY A 277 -0.55 -18.65 -8.27
C GLY A 277 -0.83 -19.66 -7.17
N GLU A 278 -2.09 -20.13 -7.08
CA GLU A 278 -2.55 -20.99 -5.99
C GLU A 278 -2.30 -20.36 -4.62
N MET A 279 -2.33 -19.03 -4.54
CA MET A 279 -2.27 -18.38 -3.26
C MET A 279 -3.69 -18.16 -2.71
N CYS A 280 -3.77 -17.65 -1.47
CA CYS A 280 -5.04 -17.51 -0.75
C CYS A 280 -5.32 -16.10 -0.26
N ALA A 281 -4.63 -15.10 -0.79
CA ALA A 281 -4.91 -13.73 -0.39
C ALA A 281 -6.20 -13.22 -1.04
N LEU A 282 -6.98 -12.51 -0.28
CA LEU A 282 -8.30 -12.06 -0.74
C LEU A 282 -8.13 -10.81 -1.60
N PRO A 283 -9.07 -10.56 -2.53
CA PRO A 283 -8.97 -9.35 -3.35
C PRO A 283 -8.83 -8.09 -2.52
N GLU A 284 -9.42 -8.06 -1.32
CA GLU A 284 -9.32 -6.88 -0.45
C GLU A 284 -7.88 -6.53 -0.07
N ILE A 285 -6.95 -7.48 -0.15
CA ILE A 285 -5.57 -7.15 0.26
C ILE A 285 -4.97 -6.13 -0.71
N PHE A 286 -5.39 -6.15 -1.97
CA PHE A 286 -4.84 -5.23 -2.94
C PHE A 286 -5.25 -3.79 -2.67
N ALA A 287 -6.35 -3.58 -1.94
CA ALA A 287 -6.68 -2.25 -1.50
C ALA A 287 -5.65 -1.72 -0.52
N HIS A 288 -5.06 -2.61 0.29
CA HIS A 288 -4.08 -2.21 1.29
C HIS A 288 -2.68 -2.15 0.73
N LEU A 289 -2.31 -3.09 -0.17
CA LEU A 289 -1.03 -2.97 -0.86
C LEU A 289 -0.93 -1.65 -1.60
N THR A 290 -2.01 -1.25 -2.29
CA THR A 290 -2.06 0.07 -2.91
C THR A 290 -1.93 1.17 -1.86
N HIS A 291 -2.76 1.11 -0.82
CA HIS A 291 -2.82 2.17 0.19
C HIS A 291 -1.47 2.37 0.89
N LEU A 292 -0.78 1.28 1.23
CA LEU A 292 0.47 1.41 1.98
C LEU A 292 1.58 2.06 1.14
N LEU A 293 1.48 2.00 -0.20
CA LEU A 293 2.43 2.66 -1.09
C LEU A 293 2.02 4.09 -1.48
N MET A 294 0.81 4.51 -1.18
CA MET A 294 0.39 5.81 -1.67
C MET A 294 1.06 7.01 -1.00
N PRO A 295 1.55 6.93 0.24
CA PRO A 295 2.34 8.06 0.77
C PRO A 295 3.72 8.20 0.16
N LEU A 296 4.16 7.29 -0.71
CA LEU A 296 5.46 7.48 -1.36
C LEU A 296 5.32 8.39 -2.57
N ALA A 297 6.36 9.17 -2.84
CA ALA A 297 6.47 9.94 -4.09
C ALA A 297 5.29 10.91 -4.24
N ALA A 298 4.82 11.45 -3.11
CA ALA A 298 3.66 12.34 -3.08
C ALA A 298 2.46 11.72 -3.81
N GLY A 299 2.32 10.40 -3.71
CA GLY A 299 1.18 9.72 -4.30
C GLY A 299 1.32 9.40 -5.77
N LYS A 300 2.46 9.73 -6.40
CA LYS A 300 2.59 9.50 -7.84
C LYS A 300 2.81 8.02 -8.08
N MET A 301 1.75 7.31 -8.44
CA MET A 301 1.78 5.87 -8.56
C MET A 301 1.13 5.47 -9.87
N CYS A 302 1.85 4.67 -10.66
CA CYS A 302 1.38 4.17 -11.94
C CYS A 302 1.22 2.66 -11.82
N VAL A 303 -0.03 2.20 -11.82
CA VAL A 303 -0.34 0.78 -11.73
C VAL A 303 -0.52 0.20 -13.12
N VAL A 304 0.19 -0.87 -13.43
CA VAL A 304 0.20 -1.46 -14.77
C VAL A 304 -0.17 -2.93 -14.66
N LEU A 305 -1.21 -3.34 -15.39
CA LEU A 305 -1.69 -4.71 -15.33
C LEU A 305 -0.68 -5.68 -15.92
N GLU A 306 -0.36 -6.75 -15.15
CA GLU A 306 0.44 -7.86 -15.65
C GLU A 306 -0.45 -9.09 -15.80
N GLY A 307 -0.36 -10.09 -14.93
CA GLY A 307 -1.17 -11.29 -15.04
C GLY A 307 -2.41 -11.24 -14.16
N GLY A 308 -3.07 -12.41 -14.05
CA GLY A 308 -4.31 -12.57 -13.28
C GLY A 308 -5.35 -13.33 -14.10
N TYR A 309 -5.67 -14.57 -13.72
CA TYR A 309 -6.28 -15.49 -14.68
C TYR A 309 -7.60 -16.09 -14.27
N ASN A 310 -8.06 -15.90 -13.04
CA ASN A 310 -9.40 -16.31 -12.65
C ASN A 310 -10.28 -15.10 -12.91
N LEU A 311 -11.14 -15.20 -13.92
CA LEU A 311 -11.91 -14.04 -14.36
C LEU A 311 -12.68 -13.39 -13.21
N THR A 312 -13.08 -14.19 -12.21
CA THR A 312 -13.81 -13.60 -11.07
C THR A 312 -12.86 -12.91 -10.08
N SER A 313 -11.84 -13.62 -9.58
CA SER A 313 -10.89 -12.96 -8.69
C SER A 313 -10.24 -11.75 -9.35
N LEU A 314 -10.16 -11.74 -10.69
CA LEU A 314 -9.49 -10.67 -11.39
C LEU A 314 -10.28 -9.35 -11.27
N GLY A 315 -11.57 -9.38 -11.60
CA GLY A 315 -12.36 -8.17 -11.51
C GLY A 315 -12.38 -7.56 -10.12
N GLN A 316 -12.49 -8.41 -9.09
CA GLN A 316 -12.60 -7.89 -7.73
C GLN A 316 -11.28 -7.27 -7.27
N SER A 317 -10.14 -7.81 -7.71
CA SER A 317 -8.86 -7.26 -7.27
C SER A 317 -8.56 -5.95 -8.00
N VAL A 318 -8.91 -5.88 -9.30
CA VAL A 318 -8.79 -4.62 -10.04
C VAL A 318 -9.63 -3.54 -9.39
N CYS A 319 -10.87 -3.88 -9.02
CA CYS A 319 -11.75 -2.92 -8.35
C CYS A 319 -11.19 -2.44 -7.03
N GLN A 320 -10.63 -3.36 -6.24
CA GLN A 320 -10.06 -2.96 -4.96
C GLN A 320 -8.89 -2.01 -5.16
N THR A 321 -8.08 -2.26 -6.19
CA THR A 321 -6.93 -1.38 -6.43
C THR A 321 -7.40 0.03 -6.82
N VAL A 322 -8.33 0.12 -7.77
CA VAL A 322 -8.81 1.42 -8.24
C VAL A 322 -9.54 2.17 -7.11
N HIS A 323 -10.29 1.45 -6.28
CA HIS A 323 -10.92 2.09 -5.10
C HIS A 323 -9.88 2.84 -4.29
N SER A 324 -8.74 2.20 -4.01
CA SER A 324 -7.70 2.86 -3.23
C SER A 324 -7.07 4.01 -4.00
N LEU A 325 -6.83 3.83 -5.30
CA LEU A 325 -6.31 4.92 -6.12
C LEU A 325 -7.22 6.16 -6.03
N LEU A 326 -8.53 5.96 -6.16
CA LEU A 326 -9.48 7.05 -5.97
C LEU A 326 -9.57 7.53 -4.52
N GLY A 327 -8.99 6.81 -3.57
CA GLY A 327 -9.02 7.24 -2.17
C GLY A 327 -10.23 6.79 -1.37
N ASP A 328 -10.98 5.81 -1.84
CA ASP A 328 -12.11 5.28 -1.09
C ASP A 328 -11.63 4.53 0.16
N PRO A 329 -12.46 4.44 1.20
CA PRO A 329 -12.00 3.83 2.45
C PRO A 329 -11.61 2.37 2.27
N THR A 330 -10.55 1.95 2.95
CA THR A 330 -10.04 0.60 2.80
C THR A 330 -10.91 -0.40 3.58
N PRO A 331 -11.18 -1.58 3.03
CA PRO A 331 -11.97 -2.56 3.78
C PRO A 331 -11.16 -3.10 4.94
N ARG A 332 -11.86 -3.47 6.00
CA ARG A 332 -11.21 -4.05 7.17
C ARG A 332 -10.75 -5.47 6.84
N ILE A 333 -9.53 -5.81 7.26
CA ILE A 333 -8.97 -7.15 7.11
C ILE A 333 -9.04 -7.87 8.46
N SER A 334 -9.82 -8.93 8.54
CA SER A 334 -9.95 -9.72 9.75
C SER A 334 -9.13 -11.01 9.66
N GLY A 335 -8.89 -11.61 10.83
CA GLY A 335 -8.22 -12.91 10.89
C GLY A 335 -6.72 -12.89 10.60
N LEU A 336 -6.06 -11.76 10.76
CA LEU A 336 -4.63 -11.68 10.51
C LEU A 336 -3.83 -12.19 11.70
N GLY A 337 -2.69 -12.77 11.41
CA GLY A 337 -1.77 -13.23 12.44
C GLY A 337 -0.40 -13.48 11.83
N THR A 338 0.32 -14.45 12.39
CA THR A 338 1.68 -14.70 11.92
C THR A 338 1.69 -15.14 10.47
N ALA A 339 2.74 -14.74 9.74
CA ALA A 339 3.04 -15.41 8.49
C ALA A 339 3.31 -16.89 8.76
N CYS A 340 3.12 -17.71 7.75
CA CYS A 340 3.46 -19.12 7.91
C CYS A 340 4.98 -19.28 8.04
N ASP A 341 5.43 -20.48 8.38
CA ASP A 341 6.85 -20.69 8.62
C ASP A 341 7.66 -20.53 7.34
N SER A 342 7.14 -21.00 6.22
CA SER A 342 7.88 -20.87 4.97
C SER A 342 8.07 -19.40 4.60
N ALA A 343 7.03 -18.58 4.78
CA ALA A 343 7.16 -17.15 4.49
C ALA A 343 8.12 -16.48 5.47
N LEU A 344 8.10 -16.88 6.74
CA LEU A 344 8.99 -16.26 7.69
C LEU A 344 10.44 -16.60 7.38
N GLU A 345 10.68 -17.82 6.91
CA GLU A 345 12.01 -18.19 6.44
C GLU A 345 12.44 -17.32 5.26
N SER A 346 11.57 -17.17 4.25
CA SER A 346 11.87 -16.27 3.13
C SER A 346 12.12 -14.84 3.63
N ILE A 347 11.25 -14.33 4.51
CA ILE A 347 11.42 -12.96 5.00
C ILE A 347 12.73 -12.81 5.75
N GLN A 348 13.02 -13.78 6.62
CA GLN A 348 14.26 -13.77 7.40
C GLN A 348 15.48 -13.76 6.48
N ASN A 349 15.45 -14.57 5.43
CA ASN A 349 16.60 -14.71 4.56
C ASN A 349 16.84 -13.45 3.74
N VAL A 350 15.77 -12.86 3.17
CA VAL A 350 15.90 -11.61 2.42
CA VAL A 350 15.93 -11.61 2.42
C VAL A 350 16.42 -10.50 3.33
N ARG A 351 15.85 -10.40 4.54
CA ARG A 351 16.29 -9.34 5.46
C ARG A 351 17.78 -9.49 5.77
N ASN A 352 18.26 -10.73 5.94
CA ASN A 352 19.66 -10.94 6.33
C ASN A 352 20.61 -10.58 5.19
N VAL A 353 20.33 -11.06 3.96
CA VAL A 353 21.22 -10.71 2.84
C VAL A 353 21.11 -9.22 2.50
N GLN A 354 19.95 -8.60 2.68
CA GLN A 354 19.85 -7.17 2.40
C GLN A 354 20.41 -6.30 3.51
N SER A 355 20.79 -6.90 4.65
CA SER A 355 21.27 -6.12 5.79
C SER A 355 22.56 -5.37 5.48
N SER A 356 23.29 -5.76 4.44
CA SER A 356 24.49 -5.02 4.07
C SER A 356 24.17 -3.70 3.39
N TYR A 357 22.91 -3.47 2.98
CA TYR A 357 22.58 -2.38 2.06
C TYR A 357 21.56 -1.38 2.60
N TRP A 358 20.77 -1.74 3.59
CA TRP A 358 19.65 -0.92 4.01
C TRP A 358 19.73 -0.70 5.51
N SER A 359 19.47 0.54 5.94
CA SER A 359 19.59 0.86 7.35
C SER A 359 18.49 0.21 8.20
N SER A 360 17.34 -0.13 7.62
CA SER A 360 16.31 -0.81 8.42
C SER A 360 16.78 -2.19 8.89
N PHE A 361 17.67 -2.85 8.12
CA PHE A 361 18.10 -4.21 8.42
C PHE A 361 19.49 -4.30 9.01
N LYS A 362 20.23 -3.17 9.10
CA LYS A 362 21.66 -3.24 9.42
C LYS A 362 21.92 -3.81 10.81
N HIS A 363 21.01 -3.60 11.77
CA HIS A 363 21.16 -4.21 13.09
C HIS A 363 21.25 -5.73 13.02
N LEU A 364 20.73 -6.35 11.95
CA LEU A 364 20.83 -7.80 11.82
C LEU A 364 22.26 -8.29 11.61
N ALA A 365 23.18 -7.42 11.18
CA ALA A 365 24.50 -7.86 10.75
C ALA A 365 25.52 -8.00 11.88
N GLN A 366 25.25 -7.46 13.07
CA GLN A 366 26.17 -7.52 14.20
C GLN A 366 25.56 -8.29 15.36
N SER A 367 26.41 -8.87 16.19
CA SER A 367 25.94 -9.61 17.37
C SER A 367 25.34 -8.67 18.40
N GLU A 368 26.05 -7.57 18.72
CA GLU A 368 25.58 -6.66 19.76
C GLU A 368 24.25 -6.01 19.41
N THR A 369 23.89 -5.98 18.13
CA THR A 369 22.69 -5.30 17.66
C THR A 369 21.53 -6.24 17.35
N ASN A 370 21.79 -7.51 17.09
CA ASN A 370 20.79 -8.41 16.48
C ASN A 370 19.63 -8.79 17.42
N ASP A 402 -12.33 -23.00 -6.28
CA ASP A 402 -12.16 -22.10 -5.15
C ASP A 402 -13.24 -21.02 -5.12
N VAL A 403 -13.93 -20.89 -3.98
CA VAL A 403 -14.96 -19.89 -3.78
C VAL A 403 -14.64 -19.11 -2.50
N TRP A 404 -14.93 -17.81 -2.52
CA TRP A 404 -14.67 -16.92 -1.41
C TRP A 404 -15.75 -15.85 -1.41
N PRO A 405 -16.00 -15.20 -0.26
CA PRO A 405 -17.12 -14.25 -0.20
C PRO A 405 -16.89 -13.00 -1.05
N GLU A 406 -17.99 -12.48 -1.58
CA GLU A 406 -17.95 -11.26 -2.38
C GLU A 406 -17.48 -10.09 -1.50
N PRO A 407 -16.53 -9.29 -1.97
CA PRO A 407 -16.11 -8.11 -1.19
C PRO A 407 -17.26 -7.12 -1.00
N LEU A 408 -17.36 -6.56 0.20
CA LEU A 408 -18.40 -5.60 0.52
C LEU A 408 -18.22 -4.30 -0.27
N LYS A 409 -19.29 -3.49 -0.31
CA LYS A 409 -19.26 -2.26 -1.08
C LYS A 409 -18.37 -1.21 -0.40
N ARG A 410 -17.57 -0.51 -1.20
CA ARG A 410 -16.77 0.61 -0.71
C ARG A 410 -17.32 1.89 -1.32
N MET A 411 -17.67 2.85 -0.47
CA MET A 411 -18.29 4.10 -0.90
C MET A 411 -17.50 5.26 -0.29
N PRO A 412 -17.16 6.28 -1.07
CA PRO A 412 -16.61 7.50 -0.47
C PRO A 412 -17.68 8.25 0.31
N ALA A 413 -17.29 8.75 1.48
CA ALA A 413 -18.24 9.47 2.34
C ALA A 413 -18.63 10.81 1.71
N SER A 414 -19.85 11.25 2.02
CA SER A 414 -20.38 12.52 1.51
C SER A 414 -19.39 13.66 1.76
N VAL A 415 -19.09 13.91 3.03
CA VAL A 415 -17.95 14.70 3.45
C VAL A 415 -16.95 13.74 4.07
N ARG A 416 -15.70 13.77 3.59
CA ARG A 416 -14.72 12.82 4.11
C ARG A 416 -14.31 13.19 5.54
N THR A 417 -14.06 14.47 5.80
CA THR A 417 -13.40 14.91 7.02
C THR A 417 -14.15 16.09 7.65
N VAL A 418 -14.41 15.99 8.94
CA VAL A 418 -15.04 17.04 9.74
C VAL A 418 -13.96 17.67 10.61
N VAL A 419 -13.94 19.00 10.67
CA VAL A 419 -12.95 19.71 11.48
C VAL A 419 -13.67 20.58 12.48
N VAL A 420 -13.12 20.66 13.69
CA VAL A 420 -13.67 21.51 14.75
C VAL A 420 -12.53 22.31 15.37
N PRO A 421 -12.12 23.41 14.74
CA PRO A 421 -11.10 24.28 15.34
C PRO A 421 -11.66 24.99 16.56
N PRO A 422 -10.83 25.68 17.34
CA PRO A 422 -11.33 26.44 18.49
C PRO A 422 -12.41 27.44 18.06
N PRO A 423 -13.21 27.94 19.01
CA PRO A 423 -14.28 28.87 18.65
C PRO A 423 -13.75 30.10 17.91
N GLY A 424 -14.41 30.43 16.79
CA GLY A 424 -14.11 31.62 16.04
C GLY A 424 -12.97 31.51 15.05
N VAL A 425 -12.09 30.52 15.21
CA VAL A 425 -10.98 30.32 14.27
C VAL A 425 -11.54 29.86 12.93
N GLU A 426 -11.23 30.59 11.87
CA GLU A 426 -11.70 30.28 10.52
C GLU A 426 -10.51 29.75 9.71
N LEU A 427 -10.67 28.57 9.13
CA LEU A 427 -9.64 27.97 8.32
C LEU A 427 -10.14 27.80 6.89
N THR A 428 -9.21 27.81 5.94
CA THR A 428 -9.51 27.41 4.58
C THR A 428 -9.42 25.90 4.49
N LEU A 429 -10.50 25.25 4.09
CA LEU A 429 -10.58 23.80 4.10
C LEU A 429 -10.59 23.22 2.69
N PRO A 430 -10.02 22.04 2.49
CA PRO A 430 -10.18 21.33 1.21
C PRO A 430 -11.64 21.07 0.91
N LYS A 431 -11.94 20.85 -0.38
CA LYS A 431 -13.32 20.80 -0.86
C LYS A 431 -14.10 19.61 -0.31
N ASN A 432 -13.43 18.63 0.30
CA ASN A 432 -14.11 17.49 0.88
C ASN A 432 -14.01 17.47 2.41
N CYS A 433 -13.64 18.59 3.01
CA CYS A 433 -13.76 18.82 4.44
C CYS A 433 -14.89 19.80 4.73
N GLN A 434 -15.17 19.93 6.02
CA GLN A 434 -16.35 20.66 6.46
C GLN A 434 -16.22 20.92 7.95
N HIS A 435 -16.67 22.09 8.39
CA HIS A 435 -16.71 22.42 9.80
C HIS A 435 -17.83 21.66 10.49
N SER A 436 -17.80 21.64 11.82
CA SER A 436 -18.97 21.26 12.61
C SER A 436 -18.77 21.67 14.06
N ASP A 438 -22.25 22.29 15.07
CA ASP A 438 -23.70 22.45 15.25
C ASP A 438 -24.28 21.35 16.15
N ILE A 439 -24.03 21.49 17.45
CA ILE A 439 -24.47 20.52 18.44
C ILE A 439 -25.99 20.49 18.50
N SER A 440 -26.57 19.30 18.25
CA SER A 440 -28.02 19.14 18.29
C SER A 440 -28.50 19.04 19.75
N GLU A 441 -29.82 18.85 19.91
CA GLU A 441 -30.40 18.84 21.24
C GLU A 441 -30.25 17.48 21.93
N SER A 442 -30.49 16.38 21.21
CA SER A 442 -30.23 15.06 21.78
C SER A 442 -28.76 14.92 22.19
N THR A 443 -27.85 15.36 21.32
CA THR A 443 -26.43 15.38 21.67
C THR A 443 -26.18 16.19 22.95
N ALA A 444 -26.79 17.37 23.05
CA ALA A 444 -26.59 18.21 24.23
C ALA A 444 -27.12 17.54 25.48
N LYS A 445 -28.24 16.80 25.38
CA LYS A 445 -28.73 16.03 26.53
C LYS A 445 -27.73 14.96 26.95
N GLU A 446 -27.03 14.36 25.97
CA GLU A 446 -26.01 13.36 26.31
C GLU A 446 -24.85 13.98 27.10
N VAL A 447 -24.36 15.16 26.68
CA VAL A 447 -23.26 15.78 27.41
C VAL A 447 -23.67 16.07 28.85
N GLN A 448 -24.91 16.51 29.04
CA GLN A 448 -25.39 16.78 30.39
C GLN A 448 -25.47 15.49 31.21
N ARG A 449 -26.08 14.44 30.65
CA ARG A 449 -26.12 13.15 31.32
C ARG A 449 -24.73 12.70 31.73
N ILE A 450 -23.76 12.80 30.81
CA ILE A 450 -22.38 12.40 31.09
C ILE A 450 -21.76 13.29 32.17
N ARG A 451 -22.05 14.60 32.12
CA ARG A 451 -21.48 15.52 33.11
C ARG A 451 -21.96 15.18 34.50
N ASP A 452 -23.27 14.94 34.67
CA ASP A 452 -23.83 14.74 36.00
C ASP A 452 -23.33 13.45 36.64
N LYS A 453 -22.97 12.45 35.83
CA LYS A 453 -22.55 11.16 36.37
C LYS A 453 -21.05 11.09 36.65
N HIS A 454 -20.20 11.58 35.74
CA HIS A 454 -18.76 11.31 35.80
C HIS A 454 -17.89 12.53 36.05
N PHE A 455 -18.38 13.74 35.77
CA PHE A 455 -17.65 14.97 36.05
C PHE A 455 -18.66 15.93 36.67
N HIS A 456 -19.14 15.59 37.87
CA HIS A 456 -20.20 16.37 38.50
C HIS A 456 -19.78 17.83 38.66
N ASP A 457 -18.50 18.10 38.85
CA ASP A 457 -17.99 19.43 39.16
C ASP A 457 -17.63 20.25 37.92
N LEU A 458 -17.71 19.68 36.72
CA LEU A 458 -17.24 20.42 35.54
C LEU A 458 -18.31 21.39 35.06
N THR A 459 -17.94 22.66 34.96
CA THR A 459 -18.81 23.70 34.42
C THR A 459 -18.15 24.56 33.36
N ASP A 460 -16.83 24.45 33.18
CA ASP A 460 -16.09 25.05 32.07
C ASP A 460 -16.83 24.81 30.76
N GLN A 461 -17.56 25.81 30.26
CA GLN A 461 -18.38 25.63 29.06
C GLN A 461 -17.54 25.52 27.79
N ASN A 462 -16.22 25.66 27.87
CA ASN A 462 -15.38 25.33 26.71
C ASN A 462 -15.22 23.82 26.58
N ILE A 463 -14.84 23.15 27.69
CA ILE A 463 -14.75 21.69 27.69
C ILE A 463 -16.08 21.07 27.28
N LEU A 464 -17.19 21.55 27.85
CA LEU A 464 -18.50 20.98 27.52
C LEU A 464 -18.87 21.21 26.07
N ARG A 465 -18.34 22.26 25.45
CA ARG A 465 -18.48 22.40 24.01
C ARG A 465 -17.70 21.32 23.27
N SER A 466 -16.45 21.07 23.69
CA SER A 466 -15.63 20.08 23.01
C SER A 466 -16.26 18.70 23.10
N LEU A 467 -16.84 18.35 24.26
CA LEU A 467 -17.48 17.04 24.38
C LEU A 467 -18.73 16.92 23.51
N GLY A 468 -19.48 18.02 23.32
CA GLY A 468 -20.53 17.99 22.33
C GLY A 468 -20.01 17.82 20.92
N ASN A 469 -18.83 18.38 20.64
CA ASN A 469 -18.24 18.23 19.31
C ASN A 469 -17.76 16.81 19.08
N ILE A 470 -17.10 16.21 20.07
CA ILE A 470 -16.63 14.83 19.97
C ILE A 470 -17.80 13.88 19.69
N ILE A 471 -18.86 13.97 20.50
CA ILE A 471 -20.00 13.07 20.32
C ILE A 471 -20.63 13.29 18.96
N SER A 472 -20.78 14.54 18.52
CA SER A 472 -21.40 14.81 17.23
C SER A 472 -20.55 14.25 16.08
N VAL A 473 -19.23 14.48 16.14
CA VAL A 473 -18.35 13.95 15.09
C VAL A 473 -18.41 12.42 15.06
N LEU A 474 -18.30 11.78 16.24
CA LEU A 474 -18.31 10.31 16.29
C LEU A 474 -19.61 9.74 15.75
N ASP A 475 -20.75 10.38 16.06
CA ASP A 475 -22.03 9.90 15.57
C ASP A 475 -22.07 9.95 14.04
N ARG A 476 -21.52 11.01 13.44
CA ARG A 476 -21.49 11.09 11.98
C ARG A 476 -20.53 10.06 11.39
N MET A 477 -19.41 9.80 12.07
CA MET A 477 -18.44 8.83 11.56
C MET A 477 -18.99 7.40 11.60
N MET A 478 -19.55 7.00 12.74
CA MET A 478 -19.89 5.59 12.99
C MET A 478 -21.33 5.23 12.59
N ARG A 479 -22.31 6.00 13.07
CA ARG A 479 -23.72 5.70 12.83
C ARG A 479 -24.24 6.33 11.54
N SER A 480 -23.38 6.51 10.53
CA SER A 480 -23.78 7.13 9.28
C SER A 480 -22.68 6.93 8.25
N ASP A 481 -23.07 6.72 7.00
CA ASP A 481 -22.12 6.71 5.88
C ASP A 481 -21.79 8.10 5.40
N GLU A 482 -22.10 9.12 6.20
CA GLU A 482 -21.95 10.52 5.79
C GLU A 482 -20.51 10.99 5.91
N VAL A 483 -19.90 10.83 7.08
CA VAL A 483 -18.57 11.34 7.39
C VAL A 483 -17.63 10.17 7.64
N CYS A 484 -16.36 10.31 7.26
CA CYS A 484 -15.42 9.21 7.44
C CYS A 484 -14.55 9.40 8.69
N ASN A 485 -13.93 10.57 8.86
CA ASN A 485 -13.05 10.82 9.98
C ASN A 485 -13.16 12.29 10.38
N GLY A 486 -12.34 12.69 11.34
CA GLY A 486 -12.48 14.05 11.84
C GLY A 486 -11.35 14.43 12.76
N CYS A 487 -11.27 15.72 13.01
CA CYS A 487 -10.30 16.28 13.93
C CYS A 487 -10.98 17.33 14.78
N VAL A 488 -10.76 17.25 16.10
CA VAL A 488 -11.34 18.17 17.06
C VAL A 488 -10.21 18.70 17.93
N VAL A 489 -10.11 20.02 18.05
CA VAL A 489 -9.12 20.67 18.92
C VAL A 489 -9.74 20.82 20.31
N VAL A 490 -8.99 20.38 21.34
CA VAL A 490 -9.49 20.29 22.71
C VAL A 490 -8.54 21.02 23.64
N SER A 491 -9.05 21.34 24.83
CA SER A 491 -8.23 21.91 25.90
C SER A 491 -7.90 20.89 26.97
N ASP A 492 -8.93 20.27 27.55
CA ASP A 492 -8.75 19.24 28.58
C ASP A 492 -8.60 17.89 27.90
N LEU A 493 -7.50 17.21 28.16
CA LEU A 493 -7.27 15.90 27.55
C LEU A 493 -8.08 14.79 28.24
N SER A 494 -8.04 14.73 29.57
CA SER A 494 -8.59 13.59 30.28
C SER A 494 -10.09 13.42 30.01
N VAL A 495 -10.87 14.51 30.16
CA VAL A 495 -12.32 14.41 29.98
C VAL A 495 -12.67 14.11 28.53
N SER A 496 -11.95 14.72 27.59
CA SER A 496 -12.26 14.51 26.17
C SER A 496 -11.88 13.09 25.73
N VAL A 497 -10.74 12.58 26.19
CA VAL A 497 -10.33 11.21 25.86
C VAL A 497 -11.33 10.21 26.43
N GLN A 498 -11.67 10.39 27.71
CA GLN A 498 -12.65 9.52 28.36
C GLN A 498 -13.97 9.54 27.61
N CYS A 499 -14.44 10.74 27.24
CA CYS A 499 -15.71 10.84 26.54
CA CYS A 499 -15.72 10.83 26.55
C CYS A 499 -15.63 10.24 25.14
N ALA A 500 -14.52 10.47 24.45
CA ALA A 500 -14.36 9.89 23.11
C ALA A 500 -14.32 8.37 23.19
N LEU A 501 -13.43 7.82 24.02
CA LEU A 501 -13.26 6.38 24.10
C LEU A 501 -14.55 5.69 24.56
N GLN A 502 -15.11 6.17 25.67
CA GLN A 502 -16.31 5.54 26.22
C GLN A 502 -17.49 5.63 25.27
N HIS A 503 -17.61 6.73 24.53
CA HIS A 503 -18.75 6.85 23.63
C HIS A 503 -18.60 5.91 22.43
N ALA A 504 -17.37 5.65 22.00
CA ALA A 504 -17.14 4.74 20.89
C ALA A 504 -17.33 3.29 21.30
N LEU A 505 -16.95 2.94 22.53
CA LEU A 505 -17.07 1.55 22.98
C LEU A 505 -18.53 1.11 23.13
N THR A 506 -19.41 2.00 23.57
CA THR A 506 -20.80 1.60 23.84
C THR A 506 -21.68 1.57 22.59
N GLU A 507 -21.31 2.29 21.53
CA GLU A 507 -22.21 2.46 20.39
C GLU A 507 -22.71 1.15 19.73
N PRO A 508 -21.96 0.03 19.67
CA PRO A 508 -20.59 -0.26 20.09
C PRO A 508 -19.59 -0.30 18.93
N ALA A 509 -18.35 0.11 19.24
CA ALA A 509 -17.18 -0.24 18.44
C ALA A 509 -16.47 -1.36 19.20
N GLU A 510 -16.49 -2.56 18.63
CA GLU A 510 -15.94 -3.71 19.33
C GLU A 510 -14.51 -3.45 19.82
N ARG A 511 -13.71 -2.72 19.04
CA ARG A 511 -12.29 -2.51 19.35
C ARG A 511 -11.88 -1.10 18.91
N VAL A 512 -11.03 -0.48 19.70
CA VAL A 512 -10.58 0.88 19.46
C VAL A 512 -9.06 0.91 19.60
N LEU A 513 -8.37 1.38 18.56
CA LEU A 513 -6.93 1.61 18.64
C LEU A 513 -6.67 3.05 19.06
N VAL A 514 -5.90 3.24 20.12
CA VAL A 514 -5.56 4.57 20.60
C VAL A 514 -4.10 4.84 20.26
N VAL A 515 -3.84 5.95 19.57
CA VAL A 515 -2.48 6.38 19.25
C VAL A 515 -2.24 7.73 19.92
N TYR A 516 -1.34 7.75 20.89
CA TYR A 516 -1.16 8.90 21.77
C TYR A 516 0.28 9.35 21.70
N VAL A 517 0.48 10.61 21.30
CA VAL A 517 1.81 11.25 21.35
C VAL A 517 1.81 12.17 22.56
N GLY A 518 2.55 11.79 23.59
CA GLY A 518 2.59 12.56 24.81
C GLY A 518 2.94 11.69 26.00
N ASP A 519 3.29 12.36 27.10
CA ASP A 519 3.73 11.70 28.31
C ASP A 519 2.61 11.66 29.34
N GLY A 520 2.82 10.85 30.37
CA GLY A 520 1.84 10.67 31.40
C GLY A 520 0.93 9.49 31.12
N GLU A 521 -0.15 9.44 31.91
CA GLU A 521 -1.14 8.39 31.82
C GLU A 521 -2.47 8.98 31.37
N LEU A 522 -3.21 8.22 30.59
CA LEU A 522 -4.52 8.61 30.12
C LEU A 522 -5.61 7.79 30.81
N PRO A 523 -6.84 8.29 30.86
CA PRO A 523 -7.95 7.45 31.32
C PRO A 523 -8.30 6.36 30.31
N VAL A 524 -7.37 5.43 30.07
CA VAL A 524 -7.53 4.37 29.08
C VAL A 524 -7.15 3.04 29.72
N LYS A 525 -8.14 2.18 29.97
CA LYS A 525 -7.91 0.85 30.52
C LYS A 525 -7.66 -0.15 29.40
N THR A 526 -6.54 -0.88 29.47
CA THR A 526 -6.17 -1.85 28.45
C THR A 526 -6.16 -3.28 28.98
N ASN A 527 -7.15 -3.63 29.82
CA ASN A 527 -7.17 -4.94 30.45
C ASN A 527 -7.97 -5.96 29.66
N ASP A 528 -9.19 -5.61 29.24
CA ASP A 528 -9.97 -6.49 28.37
C ASP A 528 -9.35 -6.51 26.98
N GLY A 529 -10.03 -7.11 26.02
CA GLY A 529 -9.42 -7.14 24.69
C GLY A 529 -9.88 -6.03 23.77
N LYS A 530 -10.41 -4.94 24.32
CA LYS A 530 -11.15 -3.98 23.50
C LYS A 530 -10.33 -2.77 23.09
N VAL A 531 -9.24 -2.47 23.77
CA VAL A 531 -8.43 -1.29 23.48
C VAL A 531 -6.98 -1.74 23.31
N PHE A 532 -6.31 -1.19 22.30
CA PHE A 532 -4.86 -1.26 22.20
C PHE A 532 -4.31 0.16 22.19
N LEU A 533 -3.32 0.43 23.03
CA LEU A 533 -2.77 1.77 23.19
C LEU A 533 -1.34 1.81 22.66
N VAL A 534 -1.12 2.53 21.57
CA VAL A 534 0.24 2.94 21.17
C VAL A 534 0.53 4.29 21.81
N GLN A 535 1.68 4.41 22.47
CA GLN A 535 2.07 5.66 23.10
C GLN A 535 3.47 6.05 22.64
N ILE A 536 3.59 7.23 22.03
CA ILE A 536 4.87 7.81 21.67
C ILE A 536 5.21 8.83 22.74
N CYS A 537 6.19 8.52 23.58
CA CYS A 537 6.48 9.36 24.75
C CYS A 537 7.96 9.72 24.79
N THR A 538 8.30 10.56 25.76
CA THR A 538 9.65 11.05 25.98
C THR A 538 10.36 10.38 27.14
N LYS A 539 9.62 9.99 28.18
CA LYS A 539 10.19 9.31 29.34
C LYS A 539 10.21 7.81 29.09
N GLU A 540 11.38 7.21 29.24
CA GLU A 540 11.54 5.78 29.00
C GLU A 540 10.85 5.02 30.14
N THR A 541 9.62 4.59 29.89
CA THR A 541 8.88 3.85 30.89
C THR A 541 9.01 2.35 30.63
N GLU A 542 8.37 1.57 31.50
CA GLU A 542 8.22 0.14 31.30
C GLU A 542 6.74 -0.20 31.15
N ASP A 543 6.45 -1.12 30.24
CA ASP A 543 5.11 -1.67 30.09
C ASP A 543 5.15 -3.17 30.30
N LYS A 544 4.10 -3.69 30.94
CA LYS A 544 3.95 -5.13 31.13
C LYS A 544 2.71 -5.67 30.44
N CYS A 545 1.82 -4.81 29.98
CA CYS A 545 0.62 -5.23 29.28
C CYS A 545 0.94 -5.45 27.80
N VAL A 546 0.48 -6.58 27.24
CA VAL A 546 0.71 -6.84 25.82
C VAL A 546 -0.40 -6.19 24.98
N ASN A 547 -1.24 -5.37 25.61
CA ASN A 547 -2.16 -4.54 24.85
C ASN A 547 -1.69 -3.09 24.81
N ARG A 548 -0.39 -2.87 25.01
CA ARG A 548 0.21 -1.55 24.97
C ARG A 548 1.54 -1.64 24.24
N LEU A 549 1.82 -0.62 23.44
CA LEU A 549 3.11 -0.47 22.77
C LEU A 549 3.63 0.91 23.14
N THR A 550 4.65 0.96 23.97
CA THR A 550 5.22 2.22 24.42
C THR A 550 6.55 2.44 23.71
N LEU A 551 6.66 3.58 23.02
CA LEU A 551 7.84 3.93 22.24
C LEU A 551 8.44 5.18 22.85
N CYS A 552 9.64 5.05 23.40
CA CYS A 552 10.41 6.17 23.91
C CYS A 552 11.52 6.40 22.90
N LEU A 553 11.36 7.44 22.09
CA LEU A 553 12.33 7.77 21.05
C LEU A 553 13.26 8.87 21.54
N ARG A 554 14.55 8.57 21.60
CA ARG A 554 15.56 9.51 22.08
C ARG A 554 15.53 10.80 21.27
N GLU A 555 15.82 11.91 21.94
CA GLU A 555 15.89 13.20 21.28
C GLU A 555 17.10 13.25 20.36
N GLY A 556 16.96 13.92 19.22
CA GLY A 556 18.06 14.06 18.30
C GLY A 556 17.57 14.18 16.87
N GLU A 557 18.54 14.23 15.95
CA GLU A 557 18.27 14.35 14.53
C GLU A 557 17.84 13.03 13.90
N SER A 558 17.88 11.93 14.64
CA SER A 558 17.50 10.61 14.15
C SER A 558 16.04 10.27 14.45
N LEU A 559 15.24 11.26 14.85
CA LEU A 559 13.91 10.99 15.35
C LEU A 559 12.96 10.55 14.22
N THR A 560 13.18 11.05 13.01
CA THR A 560 12.28 10.72 11.91
C THR A 560 12.48 9.28 11.42
N ALA A 561 13.74 8.87 11.24
CA ALA A 561 14.00 7.51 10.79
C ALA A 561 13.53 6.49 11.84
N GLY A 562 13.77 6.77 13.12
CA GLY A 562 13.35 5.84 14.15
C GLY A 562 11.84 5.69 14.22
N PHE A 563 11.12 6.81 14.15
CA PHE A 563 9.67 6.76 14.16
C PHE A 563 9.12 6.00 12.96
N MET A 564 9.64 6.30 11.75
CA MET A 564 9.21 5.56 10.57
C MET A 564 9.50 4.06 10.73
N GLN A 565 10.63 3.73 11.33
CA GLN A 565 10.95 2.32 11.56
C GLN A 565 9.97 1.67 12.53
N ALA A 566 9.68 2.35 13.65
CA ALA A 566 8.63 1.88 14.55
C ALA A 566 7.28 1.79 13.86
N LEU A 567 6.97 2.77 13.00
CA LEU A 567 5.64 2.81 12.38
C LEU A 567 5.41 1.59 11.50
N LEU A 568 6.37 1.27 10.64
CA LEU A 568 6.17 0.20 9.66
C LEU A 568 6.38 -1.18 10.26
N GLY A 569 7.30 -1.32 11.21
CA GLY A 569 7.67 -2.64 11.71
C GLY A 569 7.04 -3.05 13.02
N LEU A 570 6.40 -2.11 13.73
CA LEU A 570 5.72 -2.40 14.99
C LEU A 570 4.26 -1.90 15.02
N ILE A 571 4.05 -0.60 14.81
CA ILE A 571 2.70 -0.04 14.96
C ILE A 571 1.75 -0.64 13.93
N LEU A 572 2.14 -0.63 12.66
CA LEU A 572 1.23 -1.14 11.65
C LEU A 572 0.94 -2.64 11.81
N PRO A 573 1.93 -3.54 11.99
CA PRO A 573 1.59 -4.96 12.18
C PRO A 573 0.60 -5.20 13.32
N VAL A 574 0.83 -4.60 14.48
CA VAL A 574 -0.10 -4.78 15.60
C VAL A 574 -1.48 -4.22 15.25
N ALA A 575 -1.52 -2.97 14.75
CA ALA A 575 -2.80 -2.34 14.42
C ALA A 575 -3.58 -3.20 13.44
N TYR A 576 -2.93 -3.72 12.41
CA TYR A 576 -3.61 -4.55 11.43
C TYR A 576 -4.13 -5.85 12.05
N GLU A 577 -3.33 -6.47 12.93
CA GLU A 577 -3.80 -7.70 13.57
C GLU A 577 -4.96 -7.41 14.54
N PHE A 578 -4.84 -6.34 15.33
CA PHE A 578 -5.91 -5.91 16.21
C PHE A 578 -7.22 -5.65 15.44
N ASN A 579 -7.14 -5.05 14.25
CA ASN A 579 -8.32 -4.75 13.43
C ASN A 579 -9.35 -3.93 14.22
N PRO A 580 -9.02 -2.69 14.59
CA PRO A 580 -9.97 -1.89 15.37
C PRO A 580 -11.16 -1.44 14.53
N ALA A 581 -12.22 -1.04 15.21
CA ALA A 581 -13.37 -0.42 14.56
C ALA A 581 -13.26 1.10 14.49
N LEU A 582 -12.35 1.69 15.27
CA LEU A 582 -12.12 3.12 15.28
C LEU A 582 -10.69 3.35 15.73
N VAL A 583 -10.04 4.36 15.16
CA VAL A 583 -8.73 4.81 15.61
C VAL A 583 -8.93 6.14 16.30
N LEU A 584 -8.38 6.26 17.50
CA LEU A 584 -8.46 7.49 18.28
C LEU A 584 -7.04 8.03 18.39
N GLY A 585 -6.75 9.12 17.67
CA GLY A 585 -5.47 9.80 17.80
C GLY A 585 -5.55 10.93 18.82
N ILE A 586 -4.45 11.12 19.55
CA ILE A 586 -4.36 12.06 20.67
C ILE A 586 -2.96 12.65 20.68
N VAL A 587 -2.89 13.98 20.71
CA VAL A 587 -1.61 14.70 20.77
C VAL A 587 -1.69 15.74 21.89
N GLU A 588 -0.78 15.65 22.86
CA GLU A 588 -0.76 16.65 23.92
C GLU A 588 0.00 17.88 23.45
N GLU A 589 -0.19 18.99 24.18
CA GLU A 589 0.34 20.27 23.74
C GLU A 589 1.86 20.32 23.83
N THR A 590 2.44 19.72 24.86
CA THR A 590 3.90 19.63 24.98
C THR A 590 4.50 18.65 23.96
N LEU A 596 8.79 17.84 16.20
CA LEU A 596 9.16 16.43 16.05
C LEU A 596 8.02 15.65 15.42
N MET A 597 7.16 16.34 14.67
CA MET A 597 5.95 15.75 14.11
C MET A 597 5.86 15.95 12.60
N ARG A 598 6.99 16.00 11.91
CA ARG A 598 6.99 15.89 10.44
C ARG A 598 6.78 14.46 9.97
N VAL A 599 6.41 13.56 10.89
CA VAL A 599 5.96 12.21 10.56
C VAL A 599 4.45 12.05 10.70
N TRP A 600 3.78 13.04 11.30
CA TRP A 600 2.36 12.90 11.62
C TRP A 600 1.51 12.66 10.37
N GLY A 601 1.88 13.27 9.25
CA GLY A 601 1.11 13.10 8.04
C GLY A 601 1.21 11.69 7.50
N HIS A 602 2.42 11.11 7.56
CA HIS A 602 2.59 9.72 7.13
C HIS A 602 1.78 8.77 8.01
N MET A 603 1.85 8.95 9.32
CA MET A 603 1.09 8.06 10.21
C MET A 603 -0.40 8.21 9.98
N THR A 604 -0.89 9.46 9.94
CA THR A 604 -2.31 9.68 9.73
C THR A 604 -2.79 9.02 8.45
N CYS A 605 -1.96 9.07 7.41
CA CYS A 605 -2.33 8.46 6.14
C CYS A 605 -2.27 6.93 6.21
N LEU A 606 -1.17 6.37 6.72
CA LEU A 606 -1.06 4.91 6.78
C LEU A 606 -2.08 4.31 7.74
N ILE A 607 -2.31 4.95 8.88
CA ILE A 607 -3.20 4.39 9.90
C ILE A 607 -4.66 4.39 9.47
N GLN A 608 -4.99 5.05 8.36
CA GLN A 608 -6.32 4.96 7.78
C GLN A 608 -6.57 3.67 7.02
N GLY A 609 -5.55 2.79 6.92
CA GLY A 609 -5.82 1.44 6.48
C GLY A 609 -6.60 0.61 7.49
N LEU A 610 -6.71 1.09 8.72
CA LEU A 610 -7.49 0.43 9.76
C LEU A 610 -8.87 1.10 9.91
N ALA A 611 -9.84 0.32 10.40
CA ALA A 611 -11.15 0.83 10.80
C ALA A 611 -11.86 1.56 9.66
N ARG A 612 -11.72 1.06 8.42
CA ARG A 612 -12.34 1.65 7.24
C ARG A 612 -12.06 3.16 7.13
N GLY A 613 -10.92 3.60 7.66
CA GLY A 613 -10.58 5.01 7.63
C GLY A 613 -11.15 5.83 8.75
N ARG A 614 -11.86 5.21 9.71
CA ARG A 614 -12.57 5.96 10.76
C ARG A 614 -11.58 6.32 11.85
N MET A 615 -11.04 7.53 11.77
CA MET A 615 -10.08 8.03 12.74
C MET A 615 -10.56 9.36 13.32
N LEU A 616 -10.61 9.45 14.63
CA LEU A 616 -10.83 10.71 15.33
C LEU A 616 -9.54 11.16 15.98
N THR A 617 -9.13 12.38 15.70
CA THR A 617 -7.91 12.94 16.25
C THR A 617 -8.26 14.09 17.20
N LEU A 618 -7.77 14.01 18.43
CA LEU A 618 -7.89 15.08 19.42
C LEU A 618 -6.54 15.80 19.52
N LEU A 619 -6.52 17.08 19.14
CA LEU A 619 -5.34 17.91 19.30
C LEU A 619 -5.55 18.79 20.52
N GLN A 620 -4.63 18.71 21.49
CA GLN A 620 -4.71 19.55 22.68
C GLN A 620 -4.05 20.89 22.37
N GLY A 621 -4.85 21.96 22.43
CA GLY A 621 -4.36 23.29 22.14
C GLY A 621 -4.32 23.57 20.66
N TYR A 622 -4.18 24.84 20.32
CA TYR A 622 -4.20 25.25 18.92
C TYR A 622 -2.78 25.30 18.36
N ASP A 623 -2.61 24.68 17.19
CA ASP A 623 -1.41 24.83 16.37
C ASP A 623 -1.91 24.76 14.94
N LYS A 624 -1.94 25.91 14.25
CA LYS A 624 -2.56 25.95 12.92
C LYS A 624 -1.88 24.98 11.97
N ASP A 625 -0.56 24.86 12.07
CA ASP A 625 0.18 24.00 11.14
C ASP A 625 -0.11 22.52 11.39
N LEU A 626 -0.09 22.10 12.66
CA LEU A 626 -0.39 20.70 12.98
C LEU A 626 -1.85 20.38 12.65
N LEU A 627 -2.76 21.31 12.93
CA LEU A 627 -4.15 21.10 12.56
C LEU A 627 -4.33 21.05 11.04
N GLU A 628 -3.59 21.90 10.31
CA GLU A 628 -3.68 21.87 8.86
C GLU A 628 -3.13 20.57 8.29
N LEU A 629 -1.99 20.11 8.82
CA LEU A 629 -1.40 18.85 8.36
C LEU A 629 -2.33 17.67 8.65
N THR A 630 -2.87 17.61 9.87
CA THR A 630 -3.81 16.56 10.24
C THR A 630 -5.01 16.51 9.30
N VAL A 631 -5.68 17.65 9.11
CA VAL A 631 -6.86 17.68 8.23
C VAL A 631 -6.50 17.27 6.80
N SER A 632 -5.34 17.73 6.33
CA SER A 632 -4.90 17.38 4.97
C SER A 632 -4.76 15.87 4.81
N ALA A 633 -4.06 15.22 5.75
CA ALA A 633 -3.84 13.78 5.65
C ALA A 633 -5.15 13.01 5.83
N LEU A 634 -5.98 13.42 6.79
CA LEU A 634 -7.28 12.79 6.98
C LEU A 634 -8.15 12.86 5.73
N SER A 635 -8.05 13.96 4.96
CA SER A 635 -8.93 14.17 3.82
C SER A 635 -8.47 13.46 2.56
N GLY A 636 -7.36 12.72 2.62
CA GLY A 636 -6.87 12.02 1.46
C GLY A 636 -5.93 12.81 0.58
N ALA A 637 -5.46 13.97 1.02
CA ALA A 637 -4.51 14.74 0.25
C ALA A 637 -3.16 14.03 0.17
N SER A 638 -2.43 14.35 -0.90
CA SER A 638 -1.04 13.96 -1.05
C SER A 638 -0.20 14.42 0.14
N ILE A 639 0.79 13.63 0.53
CA ILE A 639 1.65 13.99 1.64
C ILE A 639 3.08 14.14 1.13
N SER A 640 3.78 15.17 1.62
CA SER A 640 5.10 15.50 1.12
C SER A 640 6.10 14.41 1.50
N PRO A 641 7.03 14.06 0.61
CA PRO A 641 8.04 13.06 0.95
C PRO A 641 8.90 13.50 2.11
N LEU A 642 9.57 12.52 2.72
CA LEU A 642 10.42 12.79 3.88
C LEU A 642 11.85 13.11 3.50
N GLY A 643 12.25 12.84 2.25
CA GLY A 643 13.65 12.84 1.88
C GLY A 643 14.32 11.57 2.33
N PRO A 644 15.20 11.00 1.47
CA PRO A 644 15.88 9.70 1.66
C PRO A 644 16.39 9.46 3.09
N ARG A 646 17.63 8.01 5.77
CA ARG A 646 18.79 8.02 6.65
C ARG A 646 18.66 6.98 7.78
N ALA A 647 19.63 7.00 8.75
CA ALA A 647 19.77 5.87 9.67
C ALA A 647 19.37 6.24 11.10
N PRO A 648 18.71 5.33 11.81
CA PRO A 648 18.26 5.62 13.17
C PRO A 648 19.28 5.21 14.24
N LYS A 649 19.07 5.74 15.44
CA LYS A 649 19.94 5.49 16.57
C LYS A 649 19.93 4.00 16.95
N PRO A 650 21.09 3.41 17.23
CA PRO A 650 21.10 2.00 17.69
C PRO A 650 20.35 1.79 18.99
N GLU A 651 20.32 2.79 19.88
CA GLU A 651 19.49 2.68 21.08
C GLU A 651 18.01 2.58 20.71
N ASP A 652 17.59 3.30 19.67
CA ASP A 652 16.19 3.22 19.24
C ASP A 652 15.88 1.86 18.63
N VAL A 653 16.79 1.32 17.81
CA VAL A 653 16.57 0.00 17.23
C VAL A 653 16.50 -1.06 18.32
N GLU A 654 17.37 -0.94 19.33
CA GLU A 654 17.33 -1.87 20.46
C GLU A 654 16.00 -1.77 21.22
N MET A 655 15.55 -0.54 21.48
CA MET A 655 14.26 -0.33 22.14
C MET A 655 13.12 -0.95 21.34
N MET A 656 13.17 -0.83 20.00
CA MET A 656 12.09 -1.35 19.17
C MET A 656 12.10 -2.87 19.09
N GLU A 657 13.29 -3.47 18.98
CA GLU A 657 13.35 -4.93 18.91
C GLU A 657 12.99 -5.59 20.24
N LYS A 658 13.27 -4.92 21.37
CA LYS A 658 12.76 -5.40 22.65
C LYS A 658 11.24 -5.41 22.67
N GLN A 659 10.62 -4.39 22.07
CA GLN A 659 9.15 -4.38 21.96
C GLN A 659 8.67 -5.56 21.11
N ARG A 660 9.31 -5.78 19.95
CA ARG A 660 8.95 -6.93 19.13
C ARG A 660 9.09 -8.23 19.93
N GLN A 661 10.19 -8.37 20.65
CA GLN A 661 10.38 -9.59 21.45
C GLN A 661 9.26 -9.75 22.46
N ARG A 662 8.86 -8.65 23.10
CA ARG A 662 7.87 -8.65 24.15
C ARG A 662 6.45 -8.88 23.62
N LEU A 663 6.18 -8.57 22.34
CA LEU A 663 4.81 -8.57 21.83
C LEU A 663 4.51 -9.64 20.78
N GLN A 664 5.53 -10.23 20.14
CA GLN A 664 5.28 -11.00 18.93
C GLN A 664 4.64 -12.36 19.20
N GLU A 665 4.76 -12.88 20.42
CA GLU A 665 4.05 -14.13 20.72
C GLU A 665 2.55 -13.91 20.78
N ARG A 666 2.12 -12.76 21.33
CA ARG A 666 0.71 -12.38 21.27
C ARG A 666 0.31 -11.91 19.87
N TRP A 667 1.13 -11.07 19.25
CA TRP A 667 0.80 -10.42 17.97
C TRP A 667 1.73 -10.96 16.89
N GLY A 668 1.33 -12.07 16.26
CA GLY A 668 2.24 -12.77 15.36
C GLY A 668 2.63 -12.00 14.11
N LEU A 669 1.82 -11.01 13.71
CA LEU A 669 2.17 -10.24 12.52
C LEU A 669 3.45 -9.44 12.73
N LEU A 670 3.88 -9.26 13.98
CA LEU A 670 5.18 -8.66 14.26
C LEU A 670 6.36 -9.52 13.84
N ARG A 671 6.16 -10.83 13.63
CA ARG A 671 7.29 -11.73 13.50
C ARG A 671 8.00 -11.53 12.15
N CYS A 672 9.31 -11.40 12.18
CA CYS A 672 10.04 -11.35 10.93
C CYS A 672 11.22 -12.31 10.97
N THR A 673 11.12 -13.36 11.78
CA THR A 673 12.02 -14.52 11.79
C THR A 673 11.19 -15.78 12.07
N VAL A 674 11.75 -16.94 11.76
CA VAL A 674 11.11 -18.19 12.19
C VAL A 674 11.26 -18.36 13.69
N SER A 675 10.17 -18.74 14.36
CA SER A 675 10.23 -18.95 15.80
C SER A 675 11.03 -20.20 16.14
N GLU A 676 11.72 -20.16 17.28
CA GLU A 676 12.39 -21.36 17.78
C GLU A 676 11.35 -22.34 18.31
N SER A 677 11.41 -23.58 17.83
CA SER A 677 10.56 -24.64 18.35
C SER A 677 11.21 -25.26 19.59
N TRP A 678 10.36 -25.80 20.47
CA TRP A 678 10.83 -26.44 21.70
C TRP A 678 11.65 -27.70 21.36
#